data_3GDG
#
_entry.id   3GDG
#
_cell.length_a   82.707
_cell.length_b   112.089
_cell.length_c   107.292
_cell.angle_alpha   90.00
_cell.angle_beta   98.28
_cell.angle_gamma   90.00
#
_symmetry.space_group_name_H-M   'C 1 2 1'
#
loop_
_entity.id
_entity.type
_entity.pdbx_description
1 polymer 'Probable NADP-dependent mannitol dehydrogenase'
2 non-polymer 'SODIUM ION'
3 water water
#
_entity_poly.entity_id   1
_entity_poly.type   'polypeptide(L)'
_entity_poly.pdbx_seq_one_letter_code
;MPGQQATKHESLLDQLSLKGKVVVVTGASGPKGMGIEAARGCAEMGAAVAITYASRAQGAEENVKELEKTYGIKAKAYKC
QVDSYESCEKLVKDVVADFGQIDAFIANAGATADSGILDGSVEAWNHVVQVDLNGTFHCAKAVGHHFKERGTGSLVITAS
MSGHIANFPQEQTSYNVAKAGCIHMARSLANEWRDFARVNSISPGYIDTGLSDFVPKETQQLWHSMIPMGRDGLAKELKG
AYVYFASDASTYTTGADLLIDGGYTTR
;
_entity_poly.pdbx_strand_id   A,B,C,D
#
loop_
_chem_comp.id
_chem_comp.type
_chem_comp.name
_chem_comp.formula
NA non-polymer 'SODIUM ION' 'Na 1'
#
# COMPACT_ATOMS: atom_id res chain seq x y z
N MET A 1 -20.91 4.91 17.30
CA MET A 1 -21.31 3.65 17.99
C MET A 1 -22.79 3.71 18.39
N PRO A 2 -23.69 3.17 17.55
CA PRO A 2 -23.37 2.52 16.26
C PRO A 2 -22.73 3.46 15.24
N GLY A 3 -23.49 4.44 14.76
CA GLY A 3 -22.94 5.38 13.79
C GLY A 3 -23.74 5.45 12.50
N GLN A 4 -23.24 4.79 11.47
CA GLN A 4 -23.90 4.80 10.17
C GLN A 4 -24.48 3.44 9.79
N GLN A 5 -25.72 3.44 9.36
CA GLN A 5 -26.44 2.22 8.98
C GLN A 5 -26.44 1.90 7.49
N ALA A 6 -26.70 0.64 7.18
CA ALA A 6 -26.73 0.18 5.78
C ALA A 6 -27.93 0.75 5.02
N THR A 7 -27.85 0.72 3.69
CA THR A 7 -28.92 1.23 2.82
C THR A 7 -30.24 0.55 3.11
N LYS A 8 -31.32 1.29 2.94
CA LYS A 8 -32.67 0.76 3.16
C LYS A 8 -33.18 0.10 1.89
N HIS A 9 -32.38 0.14 0.82
CA HIS A 9 -32.80 -0.42 -0.44
C HIS A 9 -32.12 -1.74 -0.85
N GLU A 10 -32.93 -2.73 -1.22
CA GLU A 10 -32.43 -4.03 -1.67
C GLU A 10 -32.11 -3.90 -3.15
N SER A 11 -32.87 -3.04 -3.81
CA SER A 11 -32.70 -2.77 -5.22
C SER A 11 -31.43 -1.92 -5.42
N LEU A 12 -30.63 -2.31 -6.41
CA LEU A 12 -29.40 -1.60 -6.71
C LEU A 12 -29.72 -0.32 -7.47
N LEU A 13 -30.80 -0.34 -8.23
CA LEU A 13 -31.18 0.86 -8.94
C LEU A 13 -31.62 1.94 -7.96
N ASP A 14 -32.26 1.52 -6.86
CA ASP A 14 -32.70 2.49 -5.86
C ASP A 14 -31.50 2.98 -5.07
N GLN A 15 -30.46 2.15 -5.01
CA GLN A 15 -29.23 2.50 -4.28
C GLN A 15 -28.49 3.61 -4.99
N LEU A 16 -28.36 3.48 -6.32
CA LEU A 16 -27.66 4.48 -7.12
C LEU A 16 -28.46 5.77 -7.29
N SER A 17 -29.77 5.62 -7.46
CA SER A 17 -30.66 6.76 -7.65
C SER A 17 -30.40 7.83 -6.60
N LEU A 18 -30.20 9.06 -7.07
CA LEU A 18 -29.94 10.20 -6.18
C LEU A 18 -31.14 11.13 -6.14
N LYS A 19 -32.30 10.57 -6.44
CA LYS A 19 -33.56 11.28 -6.40
C LYS A 19 -33.79 11.73 -4.96
N GLY A 20 -34.15 13.00 -4.79
CA GLY A 20 -34.40 13.52 -3.45
C GLY A 20 -33.11 13.85 -2.72
N LYS A 21 -32.03 14.06 -3.46
CA LYS A 21 -30.75 14.39 -2.84
C LYS A 21 -29.97 15.50 -3.53
N VAL A 22 -29.02 16.10 -2.83
CA VAL A 22 -28.22 17.17 -3.41
C VAL A 22 -26.75 16.82 -3.45
N VAL A 23 -26.11 17.11 -4.58
CA VAL A 23 -24.70 16.83 -4.78
C VAL A 23 -24.02 18.04 -5.40
N VAL A 24 -22.88 18.47 -4.86
CA VAL A 24 -22.15 19.60 -5.42
C VAL A 24 -20.80 19.13 -5.96
N VAL A 25 -20.45 19.63 -7.14
CA VAL A 25 -19.21 19.28 -7.82
C VAL A 25 -18.32 20.51 -8.08
N THR A 26 -17.07 20.45 -7.65
CA THR A 26 -16.16 21.58 -7.86
C THR A 26 -15.40 21.41 -9.18
N GLY A 27 -14.96 22.52 -9.76
CA GLY A 27 -14.23 22.49 -11.01
C GLY A 27 -14.94 21.82 -12.20
N ALA A 28 -16.25 21.94 -12.28
CA ALA A 28 -16.98 21.32 -13.38
C ALA A 28 -17.47 22.38 -14.38
N SER A 29 -16.58 23.30 -14.72
CA SER A 29 -16.90 24.38 -15.64
C SER A 29 -16.39 24.10 -17.05
N GLY A 30 -15.99 22.86 -17.30
CA GLY A 30 -15.50 22.50 -18.62
C GLY A 30 -16.39 21.49 -19.34
N PRO A 31 -16.24 21.35 -20.66
CA PRO A 31 -17.02 20.46 -21.52
C PRO A 31 -16.85 18.96 -21.25
N LYS A 32 -15.63 18.49 -21.30
CA LYS A 32 -15.41 17.07 -21.08
C LYS A 32 -14.32 16.84 -20.06
N GLY A 33 -14.60 17.24 -18.82
CA GLY A 33 -13.63 17.07 -17.75
C GLY A 33 -14.16 16.15 -16.67
N MET A 34 -13.26 15.72 -15.78
CA MET A 34 -13.64 14.83 -14.68
C MET A 34 -14.84 15.45 -13.93
N GLY A 35 -14.77 16.77 -13.72
CA GLY A 35 -15.81 17.48 -13.01
C GLY A 35 -17.19 17.38 -13.61
N ILE A 36 -17.37 17.87 -14.83
CA ILE A 36 -18.70 17.80 -15.39
C ILE A 36 -19.22 16.36 -15.47
N GLU A 37 -18.41 15.42 -15.93
CA GLU A 37 -18.85 14.03 -16.00
C GLU A 37 -19.35 13.52 -14.64
N ALA A 38 -18.81 14.05 -13.55
CA ALA A 38 -19.27 13.61 -12.23
C ALA A 38 -20.67 14.16 -11.97
N ALA A 39 -20.93 15.37 -12.45
CA ALA A 39 -22.22 16.01 -12.27
C ALA A 39 -23.23 15.41 -13.24
N ARG A 40 -22.78 15.03 -14.43
CA ARG A 40 -23.68 14.44 -15.40
C ARG A 40 -24.21 13.12 -14.87
N GLY A 41 -23.29 12.27 -14.42
CA GLY A 41 -23.71 10.99 -13.87
C GLY A 41 -24.72 11.17 -12.75
N CYS A 42 -24.40 12.01 -11.76
CA CYS A 42 -25.31 12.23 -10.65
C CYS A 42 -26.67 12.73 -11.13
N ALA A 43 -26.63 13.74 -11.99
CA ALA A 43 -27.85 14.30 -12.55
C ALA A 43 -28.66 13.19 -13.20
N GLU A 44 -27.98 12.31 -13.93
CA GLU A 44 -28.66 11.21 -14.59
C GLU A 44 -29.41 10.38 -13.53
N MET A 45 -28.81 10.30 -12.34
CA MET A 45 -29.41 9.55 -11.25
C MET A 45 -30.54 10.35 -10.64
N GLY A 46 -30.89 11.44 -11.33
CA GLY A 46 -31.96 12.30 -10.88
C GLY A 46 -31.66 12.98 -9.56
N ALA A 47 -30.77 13.96 -9.59
CA ALA A 47 -30.44 14.69 -8.38
C ALA A 47 -30.18 16.16 -8.68
N ALA A 48 -30.35 16.99 -7.65
CA ALA A 48 -30.12 18.42 -7.80
C ALA A 48 -28.60 18.59 -7.76
N VAL A 49 -28.05 19.25 -8.76
CA VAL A 49 -26.61 19.41 -8.80
C VAL A 49 -26.12 20.84 -8.76
N ALA A 50 -25.21 21.09 -7.84
CA ALA A 50 -24.62 22.41 -7.71
C ALA A 50 -23.17 22.28 -8.18
N ILE A 51 -22.75 23.13 -9.11
CA ILE A 51 -21.37 23.08 -9.58
C ILE A 51 -20.68 24.39 -9.22
N THR A 52 -19.36 24.43 -9.39
CA THR A 52 -18.61 25.61 -9.04
C THR A 52 -17.60 25.90 -10.12
N TYR A 53 -17.03 27.11 -10.10
CA TYR A 53 -16.02 27.49 -11.07
C TYR A 53 -15.08 28.48 -10.41
N ALA A 54 -13.79 28.35 -10.72
CA ALA A 54 -12.79 29.21 -10.16
C ALA A 54 -12.97 30.63 -10.68
N SER A 55 -12.71 30.80 -11.97
CA SER A 55 -12.81 32.11 -12.59
C SER A 55 -13.58 32.10 -13.89
N ARG A 56 -13.69 33.27 -14.50
CA ARG A 56 -14.39 33.45 -15.75
C ARG A 56 -15.62 32.53 -15.85
N ALA A 57 -16.75 33.02 -15.34
CA ALA A 57 -17.99 32.26 -15.40
C ALA A 57 -18.34 32.11 -16.87
N GLN A 58 -17.87 31.03 -17.48
CA GLN A 58 -18.14 30.76 -18.88
C GLN A 58 -18.76 29.38 -19.03
N GLY A 59 -17.90 28.37 -19.16
CA GLY A 59 -18.37 27.00 -19.30
C GLY A 59 -19.35 26.52 -18.25
N ALA A 60 -19.17 26.99 -17.02
CA ALA A 60 -20.05 26.61 -15.92
C ALA A 60 -21.52 26.84 -16.24
N GLU A 61 -21.84 28.06 -16.66
CA GLU A 61 -23.21 28.40 -16.98
C GLU A 61 -23.82 27.47 -18.01
N GLU A 62 -23.11 27.28 -19.12
CA GLU A 62 -23.62 26.42 -20.17
C GLU A 62 -23.86 25.01 -19.63
N ASN A 63 -23.02 24.57 -18.71
CA ASN A 63 -23.16 23.24 -18.13
C ASN A 63 -24.46 23.19 -17.34
N VAL A 64 -24.71 24.25 -16.58
CA VAL A 64 -25.92 24.38 -15.78
C VAL A 64 -27.16 24.24 -16.67
N LYS A 65 -27.21 25.03 -17.74
CA LYS A 65 -28.34 24.96 -18.66
C LYS A 65 -28.46 23.57 -19.28
N GLU A 66 -27.31 22.97 -19.61
CA GLU A 66 -27.29 21.65 -20.23
C GLU A 66 -27.63 20.50 -19.28
N LEU A 67 -27.33 20.65 -18.00
CA LEU A 67 -27.65 19.61 -17.03
C LEU A 67 -29.14 19.57 -16.70
N GLU A 68 -29.81 20.72 -16.79
CA GLU A 68 -31.24 20.79 -16.50
C GLU A 68 -32.06 20.32 -17.68
N LYS A 69 -31.57 20.63 -18.88
CA LYS A 69 -32.25 20.30 -20.13
C LYS A 69 -32.26 18.82 -20.54
N THR A 70 -31.15 18.13 -20.32
CA THR A 70 -31.07 16.72 -20.70
C THR A 70 -31.40 15.76 -19.55
N TYR A 71 -31.47 16.28 -18.32
CA TYR A 71 -31.77 15.42 -17.18
C TYR A 71 -33.01 15.81 -16.37
N GLY A 72 -33.51 17.03 -16.58
CA GLY A 72 -34.73 17.47 -15.88
C GLY A 72 -34.62 17.62 -14.38
N ILE A 73 -33.46 18.05 -13.92
CA ILE A 73 -33.26 18.24 -12.51
C ILE A 73 -32.79 19.66 -12.26
N LYS A 74 -32.81 20.10 -11.01
CA LYS A 74 -32.40 21.46 -10.67
C LYS A 74 -30.88 21.60 -10.62
N ALA A 75 -30.36 22.70 -11.13
CA ALA A 75 -28.92 22.94 -11.13
C ALA A 75 -28.61 24.41 -10.88
N LYS A 76 -27.34 24.73 -10.67
CA LYS A 76 -26.94 26.11 -10.43
C LYS A 76 -25.43 26.20 -10.24
N ALA A 77 -24.82 27.23 -10.81
CA ALA A 77 -23.39 27.40 -10.70
C ALA A 77 -23.06 28.24 -9.46
N TYR A 78 -21.79 28.25 -9.07
CA TYR A 78 -21.35 29.02 -7.93
C TYR A 78 -19.87 29.30 -8.10
N LYS A 79 -19.46 30.55 -7.93
CA LYS A 79 -18.04 30.89 -8.05
C LYS A 79 -17.39 30.45 -6.74
N CYS A 80 -16.30 29.68 -6.84
CA CYS A 80 -15.60 29.21 -5.66
C CYS A 80 -14.12 29.02 -5.91
N GLN A 81 -13.32 29.49 -4.96
CA GLN A 81 -11.88 29.36 -5.03
C GLN A 81 -11.55 28.44 -3.87
N VAL A 82 -11.46 27.15 -4.16
CA VAL A 82 -11.18 26.15 -3.15
C VAL A 82 -9.99 26.52 -2.27
N ASP A 83 -8.98 27.22 -2.80
CA ASP A 83 -7.82 27.60 -2.00
C ASP A 83 -8.12 28.63 -0.92
N SER A 84 -9.39 29.02 -0.82
CA SER A 84 -9.83 29.98 0.19
C SER A 84 -10.86 29.25 1.05
N TYR A 85 -10.65 29.22 2.37
CA TYR A 85 -11.62 28.53 3.21
C TYR A 85 -12.91 29.36 3.21
N GLU A 86 -12.78 30.68 3.21
CA GLU A 86 -13.99 31.53 3.22
C GLU A 86 -14.88 31.21 2.01
N SER A 87 -14.28 31.06 0.84
CA SER A 87 -15.04 30.76 -0.37
C SER A 87 -15.80 29.42 -0.31
N CYS A 88 -15.19 28.40 0.32
CA CYS A 88 -15.83 27.08 0.43
C CYS A 88 -16.94 27.20 1.44
N GLU A 89 -16.62 27.90 2.53
CA GLU A 89 -17.58 28.13 3.57
C GLU A 89 -18.81 28.81 2.95
N LYS A 90 -18.57 29.88 2.21
CA LYS A 90 -19.66 30.59 1.57
C LYS A 90 -20.41 29.65 0.62
N LEU A 91 -19.66 28.83 -0.14
CA LEU A 91 -20.26 27.89 -1.08
C LEU A 91 -21.25 26.98 -0.36
N VAL A 92 -20.84 26.34 0.73
CA VAL A 92 -21.75 25.47 1.45
C VAL A 92 -22.90 26.23 2.12
N LYS A 93 -22.68 27.52 2.39
CA LYS A 93 -23.72 28.33 3.00
C LYS A 93 -24.82 28.56 1.98
N ASP A 94 -24.41 29.00 0.79
CA ASP A 94 -25.33 29.29 -0.30
C ASP A 94 -26.07 28.05 -0.83
N VAL A 95 -25.32 27.04 -1.23
CA VAL A 95 -25.93 25.83 -1.73
C VAL A 95 -27.03 25.38 -0.76
N VAL A 96 -26.69 25.30 0.52
CA VAL A 96 -27.64 24.88 1.54
C VAL A 96 -28.96 25.68 1.62
N ALA A 97 -28.94 26.92 1.14
CA ALA A 97 -30.12 27.78 1.15
C ALA A 97 -30.89 27.71 -0.17
N ASP A 98 -30.19 27.41 -1.27
CA ASP A 98 -30.84 27.33 -2.57
C ASP A 98 -31.35 25.91 -2.82
N PHE A 99 -30.70 24.94 -2.18
CA PHE A 99 -31.07 23.55 -2.34
C PHE A 99 -31.64 22.94 -1.08
N GLY A 100 -31.38 23.56 0.06
CA GLY A 100 -31.91 23.04 1.30
C GLY A 100 -30.98 22.04 1.97
N GLN A 101 -30.09 21.42 1.20
CA GLN A 101 -29.18 20.46 1.76
C GLN A 101 -28.09 19.99 0.79
N ILE A 102 -27.11 19.26 1.33
CA ILE A 102 -26.04 18.69 0.55
C ILE A 102 -25.94 17.26 1.08
N ASP A 103 -26.14 16.28 0.21
CA ASP A 103 -26.06 14.89 0.64
C ASP A 103 -24.67 14.35 0.33
N ALA A 104 -24.17 14.74 -0.84
CA ALA A 104 -22.85 14.33 -1.29
C ALA A 104 -22.05 15.53 -1.79
N PHE A 105 -20.75 15.47 -1.61
CA PHE A 105 -19.87 16.54 -2.08
C PHE A 105 -18.67 15.89 -2.72
N ILE A 106 -18.45 16.23 -3.98
CA ILE A 106 -17.34 15.68 -4.74
C ILE A 106 -16.27 16.77 -4.83
N ALA A 107 -15.15 16.54 -4.14
CA ALA A 107 -14.07 17.53 -4.12
C ALA A 107 -13.00 17.32 -5.20
N ASN A 108 -12.76 18.36 -5.97
CA ASN A 108 -11.81 18.31 -7.06
C ASN A 108 -10.98 19.59 -7.13
N ALA A 109 -9.66 19.44 -7.18
CA ALA A 109 -8.73 20.57 -7.27
C ALA A 109 -7.48 20.08 -7.96
N GLY A 110 -7.40 20.31 -9.27
CA GLY A 110 -6.26 19.86 -10.05
C GLY A 110 -5.19 20.82 -10.54
N ALA A 111 -4.81 21.81 -9.75
CA ALA A 111 -3.73 22.71 -10.18
C ALA A 111 -2.52 21.81 -10.40
N THR A 112 -1.64 22.16 -11.32
CA THR A 112 -0.50 21.30 -11.57
C THR A 112 0.87 21.92 -11.35
N ALA A 113 1.87 21.05 -11.41
CA ALA A 113 3.24 21.46 -11.24
C ALA A 113 3.99 21.21 -12.54
N ASP A 114 4.88 22.12 -12.92
CA ASP A 114 5.63 21.92 -14.16
C ASP A 114 7.13 21.71 -13.96
N SER A 115 7.52 21.37 -12.74
CA SER A 115 8.93 21.14 -12.45
C SER A 115 9.13 20.39 -11.14
N GLY A 116 10.39 20.09 -10.82
CA GLY A 116 10.71 19.38 -9.58
C GLY A 116 10.85 20.41 -8.48
N ILE A 117 11.27 19.99 -7.28
CA ILE A 117 11.42 20.94 -6.17
C ILE A 117 12.72 21.76 -6.32
N LEU A 118 13.76 21.12 -6.84
CA LEU A 118 15.04 21.80 -7.05
C LEU A 118 14.91 22.90 -8.12
N ASP A 119 14.15 22.62 -9.17
CA ASP A 119 13.94 23.61 -10.22
C ASP A 119 12.80 24.58 -9.86
N GLY A 120 11.78 24.07 -9.15
CA GLY A 120 10.67 24.93 -8.77
C GLY A 120 11.10 25.81 -7.60
N SER A 121 10.32 26.87 -7.34
CA SER A 121 10.63 27.78 -6.23
C SER A 121 9.76 27.34 -5.08
N VAL A 122 9.93 27.98 -3.94
CA VAL A 122 9.12 27.66 -2.77
C VAL A 122 7.68 28.06 -3.05
N GLU A 123 7.53 29.19 -3.73
CA GLU A 123 6.19 29.69 -4.06
C GLU A 123 5.45 28.67 -4.94
N ALA A 124 6.16 28.08 -5.89
CA ALA A 124 5.58 27.10 -6.79
C ALA A 124 5.09 25.85 -6.04
N TRP A 125 5.73 25.51 -4.91
CA TRP A 125 5.30 24.35 -4.12
C TRP A 125 4.09 24.76 -3.29
N ASN A 126 4.20 25.94 -2.66
CA ASN A 126 3.12 26.49 -1.82
C ASN A 126 1.77 26.53 -2.54
N HIS A 127 1.78 27.00 -3.78
CA HIS A 127 0.59 27.11 -4.60
C HIS A 127 -0.07 25.77 -4.96
N VAL A 128 0.75 24.76 -5.26
CA VAL A 128 0.21 23.45 -5.61
C VAL A 128 -0.35 22.79 -4.33
N VAL A 129 0.36 22.98 -3.22
CA VAL A 129 -0.06 22.42 -1.92
C VAL A 129 -1.36 23.04 -1.41
N GLN A 130 -1.39 24.37 -1.36
CA GLN A 130 -2.54 25.12 -0.90
C GLN A 130 -3.80 24.82 -1.71
N VAL A 131 -3.66 24.79 -3.04
CA VAL A 131 -4.79 24.54 -3.92
C VAL A 131 -5.18 23.08 -3.89
N ASP A 132 -4.25 22.19 -4.23
CA ASP A 132 -4.53 20.77 -4.27
C ASP A 132 -4.72 20.04 -2.93
N LEU A 133 -4.02 20.46 -1.88
CA LEU A 133 -4.16 19.79 -0.60
C LEU A 133 -5.08 20.57 0.35
N ASN A 134 -4.66 21.78 0.71
CA ASN A 134 -5.46 22.61 1.63
C ASN A 134 -6.86 22.88 1.10
N GLY A 135 -7.00 22.98 -0.22
CA GLY A 135 -8.31 23.21 -0.83
C GLY A 135 -9.24 22.05 -0.56
N THR A 136 -8.80 20.84 -0.88
CA THR A 136 -9.63 19.67 -0.66
C THR A 136 -9.99 19.70 0.82
N PHE A 137 -9.01 20.04 1.66
CA PHE A 137 -9.26 20.15 3.10
C PHE A 137 -10.32 21.22 3.39
N HIS A 138 -10.32 22.32 2.63
CA HIS A 138 -11.31 23.38 2.87
C HIS A 138 -12.72 22.84 2.54
N CYS A 139 -12.81 22.06 1.46
CA CYS A 139 -14.09 21.46 1.08
C CYS A 139 -14.59 20.53 2.19
N ALA A 140 -13.76 19.55 2.54
CA ALA A 140 -14.10 18.60 3.59
C ALA A 140 -14.63 19.27 4.86
N LYS A 141 -13.81 20.11 5.48
CA LYS A 141 -14.19 20.80 6.72
C LYS A 141 -15.49 21.61 6.59
N ALA A 142 -15.62 22.39 5.53
CA ALA A 142 -16.84 23.21 5.33
C ALA A 142 -18.08 22.34 5.19
N VAL A 143 -17.97 21.22 4.47
CA VAL A 143 -19.14 20.37 4.32
C VAL A 143 -19.31 19.49 5.54
N GLY A 144 -18.19 19.07 6.11
CA GLY A 144 -18.23 18.22 7.30
C GLY A 144 -19.23 18.71 8.32
N HIS A 145 -19.18 19.99 8.65
CA HIS A 145 -20.10 20.56 9.62
C HIS A 145 -21.56 20.29 9.23
N HIS A 146 -21.89 20.58 7.97
CA HIS A 146 -23.23 20.36 7.46
C HIS A 146 -23.64 18.90 7.59
N PHE A 147 -22.78 17.98 7.12
CA PHE A 147 -23.04 16.55 7.22
C PHE A 147 -23.24 16.16 8.67
N LYS A 148 -22.36 16.61 9.55
CA LYS A 148 -22.44 16.27 10.96
C LYS A 148 -23.79 16.62 11.59
N GLU A 149 -24.56 17.51 10.96
CA GLU A 149 -25.86 17.87 11.50
C GLU A 149 -26.92 16.89 10.97
N ARG A 150 -27.04 16.84 9.65
CA ARG A 150 -28.01 15.96 9.02
C ARG A 150 -27.77 14.49 9.36
N GLY A 151 -26.66 14.23 10.05
CA GLY A 151 -26.31 12.88 10.40
C GLY A 151 -25.99 12.04 9.18
N THR A 152 -25.84 12.68 8.02
CA THR A 152 -25.53 11.93 6.79
C THR A 152 -24.79 12.69 5.72
N GLY A 153 -23.97 11.98 4.96
CA GLY A 153 -23.24 12.63 3.89
C GLY A 153 -22.17 11.77 3.28
N SER A 154 -21.72 12.15 2.10
CA SER A 154 -20.68 11.40 1.42
C SER A 154 -19.80 12.39 0.69
N LEU A 155 -18.52 12.40 1.07
CA LEU A 155 -17.55 13.29 0.45
C LEU A 155 -16.67 12.38 -0.39
N VAL A 156 -16.56 12.71 -1.67
CA VAL A 156 -15.74 11.95 -2.57
C VAL A 156 -14.57 12.84 -2.98
N ILE A 157 -13.36 12.43 -2.60
CA ILE A 157 -12.17 13.21 -2.90
C ILE A 157 -11.49 12.72 -4.17
N THR A 158 -11.39 13.58 -5.19
CA THR A 158 -10.73 13.18 -6.41
C THR A 158 -9.24 13.36 -6.25
N ALA A 159 -8.57 12.26 -5.95
CA ALA A 159 -7.13 12.27 -5.76
C ALA A 159 -6.35 12.13 -7.06
N SER A 160 -5.65 11.01 -7.22
CA SER A 160 -4.84 10.77 -8.43
C SER A 160 -3.85 9.64 -8.25
N MET A 161 -3.51 8.97 -9.33
CA MET A 161 -2.53 7.88 -9.21
C MET A 161 -1.23 8.52 -8.81
N SER A 162 -1.09 9.82 -9.04
CA SER A 162 0.13 10.55 -8.68
C SER A 162 0.30 10.59 -7.15
N GLY A 163 -0.74 10.17 -6.44
CA GLY A 163 -0.65 10.11 -4.99
C GLY A 163 -0.14 8.72 -4.64
N HIS A 164 0.10 7.90 -5.66
CA HIS A 164 0.57 6.54 -5.46
C HIS A 164 2.01 6.40 -5.96
N ILE A 165 2.26 6.83 -7.18
CA ILE A 165 3.60 6.78 -7.76
C ILE A 165 4.00 8.18 -8.19
N ALA A 166 5.23 8.30 -8.68
CA ALA A 166 5.73 9.58 -9.17
C ALA A 166 5.81 9.45 -10.67
N ASN A 167 5.08 10.31 -11.36
CA ASN A 167 5.04 10.28 -12.81
C ASN A 167 6.42 10.40 -13.45
N PHE A 168 6.56 9.78 -14.62
CA PHE A 168 7.81 9.79 -15.41
C PHE A 168 7.45 10.14 -16.87
N PRO A 169 8.26 10.96 -17.57
CA PRO A 169 9.51 11.63 -17.16
C PRO A 169 9.38 13.04 -16.55
N GLN A 170 8.15 13.55 -16.50
CA GLN A 170 7.86 14.86 -15.95
C GLN A 170 8.11 14.84 -14.45
N GLU A 171 8.67 15.92 -13.94
CA GLU A 171 8.93 16.05 -12.52
C GLU A 171 7.82 16.92 -11.96
N GLN A 172 7.09 16.38 -10.98
CA GLN A 172 5.97 17.09 -10.36
C GLN A 172 5.71 16.58 -8.93
N THR A 173 6.78 16.53 -8.12
CA THR A 173 6.66 16.08 -6.73
C THR A 173 5.63 16.87 -5.92
N SER A 174 5.61 18.19 -6.05
CA SER A 174 4.61 18.96 -5.29
C SER A 174 3.21 18.40 -5.54
N TYR A 175 2.83 18.23 -6.81
CA TYR A 175 1.54 17.66 -7.20
C TYR A 175 1.38 16.26 -6.61
N ASN A 176 2.40 15.42 -6.76
CA ASN A 176 2.34 14.05 -6.25
C ASN A 176 1.97 14.01 -4.76
N VAL A 177 2.83 14.61 -3.94
CA VAL A 177 2.68 14.72 -2.49
C VAL A 177 1.28 15.23 -2.12
N ALA A 178 0.85 16.27 -2.83
CA ALA A 178 -0.47 16.84 -2.59
C ALA A 178 -1.56 15.76 -2.68
N LYS A 179 -1.59 15.05 -3.79
CA LYS A 179 -2.57 13.99 -3.99
C LYS A 179 -2.44 12.90 -2.93
N ALA A 180 -1.20 12.53 -2.61
CA ALA A 180 -1.00 11.49 -1.59
C ALA A 180 -1.77 11.96 -0.35
N GLY A 181 -1.58 13.22 0.00
CA GLY A 181 -2.26 13.79 1.15
C GLY A 181 -3.76 13.63 1.05
N CYS A 182 -4.31 13.86 -0.13
CA CYS A 182 -5.74 13.69 -0.33
C CYS A 182 -6.10 12.24 -0.16
N ILE A 183 -5.24 11.34 -0.61
CA ILE A 183 -5.56 9.92 -0.47
C ILE A 183 -5.77 9.63 1.02
N HIS A 184 -4.77 9.92 1.86
CA HIS A 184 -4.90 9.63 3.27
C HIS A 184 -5.88 10.52 3.99
N MET A 185 -6.05 11.75 3.51
CA MET A 185 -7.02 12.65 4.14
C MET A 185 -8.37 11.93 4.17
N ALA A 186 -8.77 11.36 3.03
CA ALA A 186 -10.06 10.67 2.94
C ALA A 186 -10.09 9.44 3.83
N ARG A 187 -8.93 8.90 4.10
CA ARG A 187 -8.82 7.73 4.96
C ARG A 187 -8.96 8.16 6.41
N SER A 188 -8.29 9.25 6.78
CA SER A 188 -8.35 9.74 8.16
C SER A 188 -9.71 10.30 8.54
N LEU A 189 -10.41 10.86 7.55
CA LEU A 189 -11.72 11.46 7.80
C LEU A 189 -12.79 10.37 7.82
N ALA A 190 -12.54 9.27 7.13
CA ALA A 190 -13.51 8.16 7.14
C ALA A 190 -13.61 7.75 8.60
N ASN A 191 -12.47 7.76 9.29
CA ASN A 191 -12.40 7.42 10.71
C ASN A 191 -13.04 8.52 11.59
N GLU A 192 -12.63 9.78 11.40
CA GLU A 192 -13.13 10.90 12.18
C GLU A 192 -14.66 11.07 12.12
N TRP A 193 -15.23 10.95 10.92
CA TRP A 193 -16.66 11.09 10.65
C TRP A 193 -17.42 9.79 10.65
N ARG A 194 -16.86 8.80 11.34
CA ARG A 194 -17.48 7.48 11.39
C ARG A 194 -18.94 7.51 11.88
N ASP A 195 -19.32 8.53 12.64
CA ASP A 195 -20.71 8.60 13.14
C ASP A 195 -21.68 9.23 12.13
N PHE A 196 -21.20 9.99 11.17
CA PHE A 196 -22.15 10.66 10.28
C PHE A 196 -21.90 10.73 8.80
N ALA A 197 -20.68 10.44 8.37
CA ALA A 197 -20.40 10.57 6.96
C ALA A 197 -19.34 9.62 6.49
N ARG A 198 -19.45 9.24 5.22
CA ARG A 198 -18.49 8.34 4.59
C ARG A 198 -17.60 9.22 3.71
N VAL A 199 -16.34 8.85 3.59
CA VAL A 199 -15.38 9.60 2.77
C VAL A 199 -14.57 8.60 1.96
N ASN A 200 -14.45 8.83 0.67
CA ASN A 200 -13.68 7.94 -0.21
C ASN A 200 -12.93 8.72 -1.26
N SER A 201 -11.85 8.15 -1.80
CA SER A 201 -11.08 8.84 -2.80
C SER A 201 -10.95 8.08 -4.10
N ILE A 202 -10.98 8.79 -5.22
CA ILE A 202 -10.81 8.19 -6.53
C ILE A 202 -9.47 8.71 -7.05
N SER A 203 -8.63 7.78 -7.50
CA SER A 203 -7.28 8.06 -8.03
C SER A 203 -7.20 7.83 -9.53
N PRO A 204 -7.55 8.86 -10.34
CA PRO A 204 -7.50 8.73 -11.80
C PRO A 204 -6.08 8.62 -12.30
N GLY A 205 -5.91 8.11 -13.52
CA GLY A 205 -4.60 8.02 -14.12
C GLY A 205 -4.58 9.06 -15.23
N TYR A 206 -4.04 8.70 -16.40
CA TYR A 206 -4.01 9.62 -17.53
C TYR A 206 -5.36 9.73 -18.24
N ILE A 207 -6.12 10.76 -17.92
CA ILE A 207 -7.43 10.99 -18.52
C ILE A 207 -7.37 12.11 -19.57
N ASP A 208 -7.64 11.78 -20.84
CA ASP A 208 -7.65 12.79 -21.89
C ASP A 208 -8.91 13.61 -21.65
N THR A 209 -8.74 14.90 -21.31
CA THR A 209 -9.88 15.78 -21.07
C THR A 209 -9.96 16.83 -22.18
N GLY A 210 -9.32 16.52 -23.32
CA GLY A 210 -9.33 17.42 -24.45
C GLY A 210 -8.23 18.47 -24.39
N LEU A 211 -7.04 18.05 -23.97
CA LEU A 211 -5.90 18.96 -23.87
C LEU A 211 -4.57 18.25 -24.14
N SER A 212 -4.63 17.17 -24.91
CA SER A 212 -3.43 16.42 -25.24
C SER A 212 -2.56 17.20 -26.20
N ASP A 213 -3.13 18.23 -26.82
CA ASP A 213 -2.42 19.09 -27.76
C ASP A 213 -1.31 19.82 -27.01
N PHE A 214 -1.58 20.23 -25.77
CA PHE A 214 -0.59 20.95 -24.98
C PHE A 214 0.53 20.04 -24.50
N VAL A 215 0.54 18.80 -24.95
CA VAL A 215 1.56 17.86 -24.55
C VAL A 215 2.20 17.18 -25.74
N PRO A 216 3.54 17.06 -25.74
CA PRO A 216 4.34 16.43 -26.80
C PRO A 216 3.98 14.98 -27.10
N LYS A 217 3.56 14.73 -28.35
CA LYS A 217 3.18 13.40 -28.81
C LYS A 217 4.22 12.34 -28.46
N GLU A 218 5.44 12.78 -28.22
CA GLU A 218 6.52 11.88 -27.85
C GLU A 218 6.27 11.41 -26.42
N THR A 219 5.88 12.38 -25.58
CA THR A 219 5.59 12.15 -24.16
C THR A 219 4.41 11.23 -23.96
N GLN A 220 3.43 11.39 -24.83
CA GLN A 220 2.23 10.58 -24.76
C GLN A 220 2.57 9.12 -25.02
N GLN A 221 3.32 8.85 -26.09
CA GLN A 221 3.66 7.47 -26.41
C GLN A 221 4.35 6.77 -25.26
N LEU A 222 5.22 7.50 -24.58
CA LEU A 222 5.95 6.98 -23.43
C LEU A 222 4.91 6.65 -22.35
N TRP A 223 3.98 7.57 -22.10
CA TRP A 223 2.92 7.34 -21.12
C TRP A 223 2.10 6.13 -21.55
N HIS A 224 1.75 6.10 -22.84
CA HIS A 224 0.96 5.01 -23.38
C HIS A 224 1.61 3.63 -23.24
N SER A 225 2.94 3.57 -23.35
CA SER A 225 3.64 2.28 -23.26
C SER A 225 3.78 1.78 -21.82
N MET A 226 3.39 2.63 -20.86
CA MET A 226 3.46 2.30 -19.44
C MET A 226 2.05 2.07 -18.90
N ILE A 227 1.07 2.25 -19.77
CA ILE A 227 -0.33 2.02 -19.41
C ILE A 227 -0.72 0.68 -20.09
N PRO A 228 -1.02 -0.36 -19.29
CA PRO A 228 -1.40 -1.65 -19.86
C PRO A 228 -2.43 -1.54 -20.99
N MET A 229 -3.50 -0.78 -20.78
CA MET A 229 -4.50 -0.64 -21.83
C MET A 229 -3.96 0.16 -23.02
N GLY A 230 -2.74 0.67 -22.94
CA GLY A 230 -2.17 1.42 -24.04
C GLY A 230 -2.87 2.71 -24.48
N ARG A 231 -3.66 3.32 -23.61
CA ARG A 231 -4.36 4.55 -23.97
C ARG A 231 -4.76 5.41 -22.76
N ASP A 232 -5.28 6.60 -23.03
CA ASP A 232 -5.71 7.48 -21.94
C ASP A 232 -7.15 7.19 -21.59
N GLY A 233 -7.54 7.55 -20.38
CA GLY A 233 -8.91 7.34 -19.96
C GLY A 233 -9.78 8.48 -20.47
N LEU A 234 -11.09 8.35 -20.31
CA LEU A 234 -12.04 9.37 -20.70
C LEU A 234 -12.88 9.66 -19.48
N ALA A 235 -13.05 10.93 -19.14
CA ALA A 235 -13.83 11.33 -17.98
C ALA A 235 -15.15 10.57 -17.81
N LYS A 236 -15.75 10.11 -18.90
CA LYS A 236 -17.00 9.37 -18.81
C LYS A 236 -16.81 8.01 -18.14
N GLU A 237 -15.57 7.52 -18.21
CA GLU A 237 -15.23 6.24 -17.61
C GLU A 237 -15.07 6.43 -16.12
N LEU A 238 -15.25 7.68 -15.66
CA LEU A 238 -15.13 8.00 -14.25
C LEU A 238 -16.46 8.27 -13.57
N LYS A 239 -17.47 8.64 -14.35
CA LYS A 239 -18.77 8.94 -13.74
C LYS A 239 -19.31 7.82 -12.85
N GLY A 240 -19.18 6.57 -13.29
CA GLY A 240 -19.67 5.46 -12.50
C GLY A 240 -19.11 5.39 -11.09
N ALA A 241 -17.80 5.65 -10.97
CA ALA A 241 -17.14 5.61 -9.68
C ALA A 241 -17.67 6.72 -8.77
N TYR A 242 -17.73 7.96 -9.30
CA TYR A 242 -18.23 9.09 -8.53
C TYR A 242 -19.64 8.76 -8.03
N VAL A 243 -20.49 8.32 -8.96
CA VAL A 243 -21.85 7.94 -8.60
C VAL A 243 -21.80 6.76 -7.63
N TYR A 244 -20.86 5.86 -7.82
CA TYR A 244 -20.77 4.72 -6.88
C TYR A 244 -20.57 5.19 -5.43
N PHE A 245 -19.60 6.07 -5.20
CA PHE A 245 -19.31 6.57 -3.85
C PHE A 245 -20.33 7.57 -3.24
N ALA A 246 -20.90 8.43 -4.07
CA ALA A 246 -21.83 9.45 -3.59
C ALA A 246 -23.25 8.97 -3.30
N SER A 247 -23.52 7.69 -3.61
CA SER A 247 -24.87 7.14 -3.42
C SER A 247 -24.98 6.07 -2.35
N ASP A 248 -26.19 5.47 -2.24
CA ASP A 248 -26.47 4.39 -1.27
C ASP A 248 -26.05 3.03 -1.80
N ALA A 249 -25.19 3.02 -2.82
CA ALA A 249 -24.66 1.78 -3.40
C ALA A 249 -23.34 1.42 -2.73
N SER A 250 -22.92 2.24 -1.78
CA SER A 250 -21.66 2.00 -1.08
C SER A 250 -21.73 2.44 0.39
N THR A 251 -22.77 2.01 1.08
CA THR A 251 -22.98 2.39 2.47
C THR A 251 -22.09 1.70 3.49
N TYR A 252 -21.24 0.80 3.02
CA TYR A 252 -20.34 0.18 3.97
C TYR A 252 -18.90 0.45 3.48
N THR A 253 -18.77 1.34 2.52
CA THR A 253 -17.45 1.65 2.01
C THR A 253 -17.03 3.05 2.47
N THR A 254 -16.10 3.10 3.41
CA THR A 254 -15.60 4.38 3.88
C THR A 254 -14.09 4.22 4.09
N GLY A 255 -13.31 5.21 3.66
CA GLY A 255 -11.88 5.11 3.81
C GLY A 255 -11.20 4.36 2.67
N ALA A 256 -11.91 4.19 1.56
CA ALA A 256 -11.36 3.46 0.44
C ALA A 256 -10.88 4.39 -0.69
N ASP A 257 -10.00 3.85 -1.52
CA ASP A 257 -9.44 4.57 -2.66
C ASP A 257 -9.61 3.65 -3.88
N LEU A 258 -10.04 4.21 -4.99
CA LEU A 258 -10.21 3.40 -6.19
C LEU A 258 -9.39 4.01 -7.32
N LEU A 259 -8.38 3.26 -7.77
CA LEU A 259 -7.49 3.67 -8.86
C LEU A 259 -8.18 3.37 -10.17
N ILE A 260 -8.21 4.35 -11.07
CA ILE A 260 -8.81 4.19 -12.40
C ILE A 260 -7.69 4.66 -13.32
N ASP A 261 -6.72 3.79 -13.55
CA ASP A 261 -5.53 4.17 -14.34
C ASP A 261 -5.22 3.27 -15.53
N GLY A 262 -6.20 2.52 -16.00
CA GLY A 262 -5.95 1.64 -17.13
C GLY A 262 -4.90 0.61 -16.79
N GLY A 263 -4.52 0.57 -15.51
CA GLY A 263 -3.53 -0.41 -15.05
C GLY A 263 -2.13 0.12 -14.81
N TYR A 264 -1.98 1.44 -14.87
CA TYR A 264 -0.68 2.08 -14.70
C TYR A 264 0.08 1.65 -13.47
N THR A 265 -0.61 1.59 -12.33
CA THR A 265 0.01 1.23 -11.07
C THR A 265 0.35 -0.27 -10.93
N THR A 266 -0.25 -1.08 -11.80
CA THR A 266 -0.02 -2.53 -11.84
C THR A 266 1.47 -2.88 -12.00
N ARG A 267 2.21 -2.08 -12.76
CA ARG A 267 3.63 -2.36 -12.95
C ARG A 267 4.40 -1.51 -11.96
N MET B 1 -9.66 -8.07 -31.72
CA MET B 1 -9.92 -6.79 -30.99
C MET B 1 -8.64 -6.21 -30.41
N PRO B 2 -7.95 -5.34 -31.19
CA PRO B 2 -6.71 -4.72 -30.76
C PRO B 2 -6.85 -3.99 -29.42
N GLY B 3 -6.61 -4.73 -28.34
CA GLY B 3 -6.72 -4.14 -27.02
C GLY B 3 -8.12 -3.72 -26.63
N GLN B 4 -8.32 -3.55 -25.32
CA GLN B 4 -9.62 -3.14 -24.77
C GLN B 4 -9.81 -1.62 -24.90
N GLN B 5 -10.98 -1.23 -25.41
CA GLN B 5 -11.30 0.17 -25.61
C GLN B 5 -12.24 0.72 -24.55
N ALA B 6 -12.52 2.02 -24.61
CA ALA B 6 -13.41 2.66 -23.65
C ALA B 6 -14.85 2.43 -24.04
N THR B 7 -15.78 2.68 -23.11
CA THR B 7 -17.20 2.50 -23.40
C THR B 7 -17.67 3.52 -24.43
N LYS B 8 -18.45 3.06 -25.40
CA LYS B 8 -18.96 3.97 -26.42
C LYS B 8 -20.15 4.71 -25.81
N HIS B 9 -20.54 4.30 -24.60
CA HIS B 9 -21.68 4.93 -23.92
C HIS B 9 -21.38 6.18 -23.11
N GLU B 10 -22.20 7.20 -23.33
CA GLU B 10 -22.08 8.45 -22.61
C GLU B 10 -22.95 8.29 -21.39
N SER B 11 -24.09 7.65 -21.60
CA SER B 11 -25.07 7.41 -20.53
C SER B 11 -24.52 6.49 -19.45
N LEU B 12 -24.75 6.86 -18.20
CA LEU B 12 -24.27 6.04 -17.09
C LEU B 12 -25.10 4.77 -16.93
N LEU B 13 -26.42 4.88 -17.05
CA LEU B 13 -27.26 3.70 -16.92
C LEU B 13 -26.93 2.67 -18.00
N ASP B 14 -26.45 3.14 -19.15
CA ASP B 14 -26.08 2.26 -20.26
C ASP B 14 -24.72 1.60 -19.97
N GLN B 15 -23.86 2.31 -19.25
CA GLN B 15 -22.55 1.75 -18.92
C GLN B 15 -22.78 0.61 -17.93
N LEU B 16 -23.74 0.81 -17.03
CA LEU B 16 -24.05 -0.19 -16.03
C LEU B 16 -24.88 -1.35 -16.55
N SER B 17 -25.68 -1.12 -17.58
CA SER B 17 -26.52 -2.17 -18.12
C SER B 17 -25.72 -3.37 -18.59
N LEU B 18 -26.25 -4.57 -18.33
CA LEU B 18 -25.65 -5.84 -18.74
C LEU B 18 -26.65 -6.66 -19.61
N LYS B 19 -27.51 -5.97 -20.35
CA LYS B 19 -28.48 -6.64 -21.23
C LYS B 19 -27.69 -7.23 -22.38
N GLY B 20 -27.96 -8.48 -22.72
CA GLY B 20 -27.23 -9.12 -23.79
C GLY B 20 -25.87 -9.62 -23.29
N LYS B 21 -25.65 -9.55 -21.99
CA LYS B 21 -24.38 -10.01 -21.45
C LYS B 21 -24.55 -11.23 -20.53
N VAL B 22 -23.45 -11.95 -20.30
CA VAL B 22 -23.47 -13.14 -19.44
C VAL B 22 -22.48 -12.99 -18.30
N VAL B 23 -22.92 -13.32 -17.10
CA VAL B 23 -22.06 -13.22 -15.93
C VAL B 23 -22.15 -14.48 -15.09
N VAL B 24 -21.00 -15.01 -14.70
CA VAL B 24 -20.96 -16.22 -13.88
C VAL B 24 -20.56 -15.76 -12.47
N VAL B 25 -21.16 -16.39 -11.46
CA VAL B 25 -20.89 -16.10 -10.07
C VAL B 25 -20.70 -17.40 -9.30
N THR B 26 -19.49 -17.61 -8.78
CA THR B 26 -19.22 -18.84 -8.07
C THR B 26 -19.94 -18.93 -6.72
N GLY B 27 -20.09 -17.81 -6.03
CA GLY B 27 -20.84 -17.88 -4.77
C GLY B 27 -22.29 -18.27 -5.07
N ALA B 28 -23.21 -17.31 -4.97
CA ALA B 28 -24.63 -17.48 -5.28
C ALA B 28 -25.34 -18.81 -4.92
N SER B 29 -25.01 -19.41 -3.77
CA SER B 29 -25.65 -20.67 -3.34
C SER B 29 -26.56 -20.50 -2.13
N GLY B 30 -26.30 -19.46 -1.34
CA GLY B 30 -27.08 -19.17 -0.15
C GLY B 30 -28.08 -18.03 -0.36
N PRO B 31 -28.88 -17.65 0.65
CA PRO B 31 -29.89 -16.59 0.59
C PRO B 31 -29.41 -15.14 0.77
N LYS B 32 -28.35 -14.96 1.55
CA LYS B 32 -27.82 -13.64 1.82
C LYS B 32 -26.29 -13.60 1.74
N GLY B 33 -25.75 -14.29 0.76
CA GLY B 33 -24.30 -14.34 0.59
C GLY B 33 -23.77 -13.28 -0.35
N MET B 34 -22.45 -13.18 -0.41
CA MET B 34 -21.84 -12.22 -1.30
C MET B 34 -22.18 -12.67 -2.70
N GLY B 35 -22.17 -13.98 -2.91
CA GLY B 35 -22.46 -14.54 -4.21
C GLY B 35 -23.80 -14.18 -4.83
N ILE B 36 -24.90 -14.51 -4.15
CA ILE B 36 -26.23 -14.20 -4.68
C ILE B 36 -26.47 -12.70 -4.77
N GLU B 37 -25.85 -11.92 -3.90
CA GLU B 37 -26.06 -10.48 -4.02
C GLU B 37 -25.36 -10.01 -5.31
N ALA B 38 -24.28 -10.67 -5.71
CA ALA B 38 -23.58 -10.31 -6.94
C ALA B 38 -24.50 -10.70 -8.08
N ALA B 39 -25.05 -11.90 -8.00
CA ALA B 39 -25.97 -12.33 -9.07
C ALA B 39 -27.17 -11.36 -9.12
N ARG B 40 -27.75 -11.06 -7.96
CA ARG B 40 -28.90 -10.14 -7.85
C ARG B 40 -28.72 -8.85 -8.64
N GLY B 41 -27.66 -8.11 -8.33
CA GLY B 41 -27.39 -6.87 -9.03
C GLY B 41 -27.23 -7.06 -10.53
N CYS B 42 -26.38 -8.01 -10.94
CA CYS B 42 -26.15 -8.27 -12.35
C CYS B 42 -27.44 -8.54 -13.09
N ALA B 43 -28.34 -9.30 -12.47
CA ALA B 43 -29.65 -9.61 -13.05
C ALA B 43 -30.49 -8.35 -13.16
N GLU B 44 -30.33 -7.46 -12.18
CA GLU B 44 -31.09 -6.21 -12.15
C GLU B 44 -30.72 -5.31 -13.32
N MET B 45 -29.48 -5.47 -13.81
CA MET B 45 -28.98 -4.69 -14.93
C MET B 45 -29.33 -5.35 -16.26
N GLY B 46 -30.02 -6.50 -16.21
CA GLY B 46 -30.43 -7.20 -17.42
C GLY B 46 -29.50 -8.27 -18.00
N ALA B 47 -28.71 -8.91 -17.15
CA ALA B 47 -27.78 -9.94 -17.62
C ALA B 47 -28.28 -11.36 -17.36
N ALA B 48 -27.96 -12.26 -18.28
CA ALA B 48 -28.31 -13.66 -18.10
C ALA B 48 -27.26 -14.04 -17.06
N VAL B 49 -27.67 -14.78 -16.04
CA VAL B 49 -26.76 -15.13 -14.97
C VAL B 49 -26.60 -16.60 -14.70
N ALA B 50 -25.36 -17.02 -14.57
CA ALA B 50 -25.07 -18.41 -14.28
C ALA B 50 -24.54 -18.43 -12.84
N ILE B 51 -24.99 -19.41 -12.06
CA ILE B 51 -24.52 -19.47 -10.69
C ILE B 51 -24.12 -20.86 -10.27
N THR B 52 -23.12 -20.95 -9.40
CA THR B 52 -22.65 -22.25 -8.98
C THR B 52 -22.82 -22.56 -7.51
N TYR B 53 -22.84 -23.86 -7.26
CA TYR B 53 -22.95 -24.44 -5.93
C TYR B 53 -21.79 -25.42 -5.80
N ALA B 54 -21.34 -25.63 -4.58
CA ALA B 54 -20.22 -26.52 -4.34
C ALA B 54 -20.62 -27.97 -4.34
N SER B 55 -21.58 -28.35 -3.50
CA SER B 55 -22.01 -29.73 -3.44
C SER B 55 -23.51 -29.88 -3.43
N ARG B 56 -24.20 -28.94 -2.79
CA ARG B 56 -25.65 -28.99 -2.73
C ARG B 56 -26.35 -27.95 -3.61
N ALA B 57 -26.94 -28.42 -4.69
CA ALA B 57 -27.65 -27.55 -5.65
C ALA B 57 -28.93 -26.89 -5.13
N GLN B 58 -29.63 -27.54 -4.20
CA GLN B 58 -30.90 -27.03 -3.67
C GLN B 58 -30.97 -25.52 -3.55
N GLY B 59 -30.14 -24.97 -2.67
CA GLY B 59 -30.14 -23.53 -2.44
C GLY B 59 -29.87 -22.73 -3.70
N ALA B 60 -29.07 -23.31 -4.59
CA ALA B 60 -28.72 -22.69 -5.86
C ALA B 60 -29.89 -22.75 -6.84
N GLU B 61 -30.74 -23.77 -6.74
CA GLU B 61 -31.90 -23.90 -7.64
C GLU B 61 -32.96 -22.92 -7.18
N GLU B 62 -33.08 -22.74 -5.87
CA GLU B 62 -34.05 -21.79 -5.37
C GLU B 62 -33.65 -20.36 -5.70
N ASN B 63 -32.35 -20.11 -5.91
CA ASN B 63 -31.92 -18.75 -6.26
C ASN B 63 -32.21 -18.52 -7.73
N VAL B 64 -31.88 -19.50 -8.58
CA VAL B 64 -32.15 -19.35 -10.01
C VAL B 64 -33.62 -19.04 -10.26
N LYS B 65 -34.49 -19.67 -9.47
CA LYS B 65 -35.93 -19.44 -9.60
C LYS B 65 -36.23 -17.99 -9.22
N GLU B 66 -35.62 -17.55 -8.12
CA GLU B 66 -35.81 -16.19 -7.61
C GLU B 66 -35.30 -15.17 -8.61
N LEU B 67 -34.12 -15.43 -9.19
CA LEU B 67 -33.53 -14.51 -10.16
C LEU B 67 -34.37 -14.41 -11.42
N GLU B 68 -34.95 -15.52 -11.87
CA GLU B 68 -35.78 -15.49 -13.07
C GLU B 68 -37.07 -14.72 -12.83
N LYS B 69 -37.84 -15.15 -11.84
CA LYS B 69 -39.12 -14.53 -11.56
C LYS B 69 -39.03 -13.04 -11.27
N THR B 70 -38.21 -12.68 -10.29
CA THR B 70 -38.05 -11.30 -9.89
C THR B 70 -37.43 -10.36 -10.91
N TYR B 71 -36.38 -10.80 -11.61
CA TYR B 71 -35.72 -9.92 -12.58
C TYR B 71 -36.03 -10.26 -14.04
N GLY B 72 -36.76 -11.35 -14.24
CA GLY B 72 -37.13 -11.74 -15.58
C GLY B 72 -35.95 -11.82 -16.54
N ILE B 73 -35.01 -12.73 -16.27
CA ILE B 73 -33.84 -12.94 -17.14
C ILE B 73 -33.41 -14.41 -17.08
N LYS B 74 -32.68 -14.86 -18.09
CA LYS B 74 -32.24 -16.27 -18.12
C LYS B 74 -31.21 -16.54 -17.03
N ALA B 75 -31.42 -17.63 -16.27
CA ALA B 75 -30.49 -18.00 -15.20
C ALA B 75 -30.44 -19.51 -15.04
N LYS B 76 -29.27 -20.02 -14.68
CA LYS B 76 -29.07 -21.46 -14.51
C LYS B 76 -28.01 -21.73 -13.45
N ALA B 77 -28.11 -22.88 -12.79
CA ALA B 77 -27.15 -23.26 -11.75
C ALA B 77 -26.22 -24.36 -12.27
N TYR B 78 -24.95 -24.31 -11.85
CA TYR B 78 -23.95 -25.32 -12.25
C TYR B 78 -23.11 -25.68 -11.04
N LYS B 79 -22.50 -26.86 -11.08
CA LYS B 79 -21.65 -27.30 -9.97
C LYS B 79 -20.25 -26.76 -10.23
N CYS B 80 -19.54 -26.44 -9.15
CA CYS B 80 -18.17 -25.96 -9.24
C CYS B 80 -17.47 -26.07 -7.92
N GLN B 81 -16.32 -26.70 -7.98
CA GLN B 81 -15.45 -26.88 -6.84
C GLN B 81 -14.21 -26.18 -7.33
N VAL B 82 -14.09 -24.93 -6.94
CA VAL B 82 -12.98 -24.06 -7.34
C VAL B 82 -11.62 -24.67 -7.12
N ASP B 83 -11.56 -25.64 -6.22
CA ASP B 83 -10.29 -26.30 -5.87
C ASP B 83 -9.90 -27.37 -6.90
N SER B 84 -10.78 -27.62 -7.87
CA SER B 84 -10.55 -28.59 -8.92
C SER B 84 -10.49 -27.81 -10.26
N TYR B 85 -9.38 -27.95 -11.00
CA TYR B 85 -9.26 -27.23 -12.25
C TYR B 85 -10.17 -27.81 -13.29
N GLU B 86 -10.37 -29.11 -13.26
CA GLU B 86 -11.25 -29.76 -14.22
C GLU B 86 -12.67 -29.27 -14.02
N SER B 87 -13.09 -29.13 -12.76
CA SER B 87 -14.44 -28.66 -12.46
C SER B 87 -14.71 -27.24 -12.93
N CYS B 88 -13.69 -26.39 -12.84
CA CYS B 88 -13.81 -24.98 -13.26
C CYS B 88 -13.77 -24.87 -14.78
N GLU B 89 -13.12 -25.82 -15.43
CA GLU B 89 -13.00 -25.83 -16.87
C GLU B 89 -14.36 -26.22 -17.41
N LYS B 90 -14.95 -27.23 -16.77
CA LYS B 90 -16.25 -27.76 -17.16
C LYS B 90 -17.28 -26.67 -16.99
N LEU B 91 -17.11 -25.88 -15.94
CA LEU B 91 -18.01 -24.78 -15.65
C LEU B 91 -17.99 -23.81 -16.83
N VAL B 92 -16.81 -23.37 -17.21
CA VAL B 92 -16.76 -22.41 -18.30
C VAL B 92 -17.27 -23.00 -19.60
N LYS B 93 -16.95 -24.27 -19.88
CA LYS B 93 -17.43 -24.88 -21.11
C LYS B 93 -18.93 -25.04 -21.17
N ASP B 94 -19.56 -25.56 -20.11
CA ASP B 94 -21.01 -25.74 -20.10
C ASP B 94 -21.74 -24.39 -20.14
N VAL B 95 -21.23 -23.39 -19.43
CA VAL B 95 -21.86 -22.07 -19.47
C VAL B 95 -21.82 -21.51 -20.90
N VAL B 96 -20.62 -21.45 -21.51
CA VAL B 96 -20.47 -20.91 -22.87
C VAL B 96 -21.38 -21.66 -23.85
N ALA B 97 -21.58 -22.94 -23.60
CA ALA B 97 -22.40 -23.78 -24.45
C ALA B 97 -23.88 -23.46 -24.25
N ASP B 98 -24.24 -23.13 -23.01
CA ASP B 98 -25.63 -22.81 -22.70
C ASP B 98 -25.95 -21.34 -22.91
N PHE B 99 -25.01 -20.45 -22.63
CA PHE B 99 -25.29 -19.04 -22.78
C PHE B 99 -24.66 -18.42 -23.99
N GLY B 100 -23.81 -19.19 -24.66
CA GLY B 100 -23.14 -18.70 -25.86
C GLY B 100 -21.89 -17.88 -25.63
N GLN B 101 -21.62 -17.44 -24.40
CA GLN B 101 -20.46 -16.62 -24.09
C GLN B 101 -20.40 -16.31 -22.60
N ILE B 102 -19.33 -15.61 -22.19
CA ILE B 102 -19.22 -15.18 -20.80
C ILE B 102 -18.53 -13.83 -20.84
N ASP B 103 -19.23 -12.77 -20.42
CA ASP B 103 -18.64 -11.43 -20.45
C ASP B 103 -17.91 -11.10 -19.16
N ALA B 104 -18.51 -11.49 -18.03
CA ALA B 104 -17.88 -11.23 -16.76
C ALA B 104 -17.97 -12.49 -15.88
N PHE B 105 -16.94 -12.67 -15.05
CA PHE B 105 -16.82 -13.80 -14.14
C PHE B 105 -16.50 -13.22 -12.75
N ILE B 106 -17.26 -13.65 -11.76
CA ILE B 106 -17.07 -13.22 -10.39
C ILE B 106 -16.71 -14.46 -9.60
N ALA B 107 -15.44 -14.62 -9.28
CA ALA B 107 -15.04 -15.80 -8.53
C ALA B 107 -15.04 -15.54 -7.04
N ASN B 108 -15.34 -16.57 -6.27
CA ASN B 108 -15.34 -16.43 -4.82
C ASN B 108 -14.99 -17.74 -4.13
N ALA B 109 -13.83 -17.77 -3.47
CA ALA B 109 -13.34 -18.91 -2.72
C ALA B 109 -13.39 -18.51 -1.24
N GLY B 110 -14.22 -19.19 -0.45
CA GLY B 110 -14.38 -18.83 0.95
C GLY B 110 -14.03 -19.80 2.07
N ALA B 111 -13.15 -20.74 1.82
CA ALA B 111 -12.74 -21.68 2.85
C ALA B 111 -12.06 -20.82 3.91
N THR B 112 -12.31 -21.11 5.18
CA THR B 112 -11.66 -20.36 6.24
C THR B 112 -10.68 -21.26 6.93
N ALA B 113 -9.76 -20.63 7.65
CA ALA B 113 -8.72 -21.31 8.42
C ALA B 113 -9.17 -21.22 9.86
N ASP B 114 -8.81 -22.20 10.69
CA ASP B 114 -9.23 -22.15 12.09
C ASP B 114 -8.13 -22.15 13.14
N SER B 115 -7.00 -21.56 12.81
CA SER B 115 -5.88 -21.50 13.75
C SER B 115 -4.75 -20.75 13.10
N GLY B 116 -3.62 -20.71 13.82
CA GLY B 116 -2.41 -20.07 13.33
C GLY B 116 -1.58 -21.15 12.68
N ILE B 117 -0.47 -20.79 12.06
CA ILE B 117 0.32 -21.82 11.39
C ILE B 117 0.90 -22.84 12.36
N LEU B 118 1.46 -22.38 13.47
CA LEU B 118 2.06 -23.27 14.44
C LEU B 118 1.06 -24.29 14.98
N ASP B 119 -0.09 -23.82 15.46
CA ASP B 119 -1.10 -24.75 15.94
C ASP B 119 -1.66 -25.60 14.81
N GLY B 120 -1.77 -25.03 13.60
CA GLY B 120 -2.33 -25.79 12.49
C GLY B 120 -1.38 -26.73 11.75
N SER B 121 -1.94 -27.77 11.16
CA SER B 121 -1.14 -28.75 10.41
C SER B 121 -0.76 -28.22 9.02
N VAL B 122 0.04 -28.99 8.29
CA VAL B 122 0.44 -28.61 6.95
C VAL B 122 -0.78 -28.78 6.04
N GLU B 123 -1.44 -29.94 6.15
CA GLU B 123 -2.64 -30.22 5.36
C GLU B 123 -3.66 -29.06 5.42
N ALA B 124 -3.89 -28.54 6.63
CA ALA B 124 -4.82 -27.42 6.86
C ALA B 124 -4.27 -26.14 6.21
N TRP B 125 -2.97 -25.98 6.17
CA TRP B 125 -2.47 -24.79 5.51
C TRP B 125 -2.79 -24.96 4.05
N ASN B 126 -2.19 -26.00 3.47
CA ASN B 126 -2.35 -26.37 2.09
C ASN B 126 -3.80 -26.24 1.61
N HIS B 127 -4.74 -26.64 2.47
CA HIS B 127 -6.17 -26.59 2.14
C HIS B 127 -6.73 -25.20 1.90
N VAL B 128 -6.55 -24.33 2.87
CA VAL B 128 -7.06 -22.96 2.75
C VAL B 128 -6.49 -22.31 1.51
N VAL B 129 -5.21 -22.53 1.26
CA VAL B 129 -4.55 -21.97 0.09
C VAL B 129 -5.05 -22.62 -1.19
N GLN B 130 -5.06 -23.94 -1.22
CA GLN B 130 -5.52 -24.65 -2.41
C GLN B 130 -6.85 -24.03 -2.85
N VAL B 131 -7.83 -24.03 -1.95
CA VAL B 131 -9.16 -23.49 -2.20
C VAL B 131 -9.25 -21.97 -2.37
N ASP B 132 -8.75 -21.22 -1.40
CA ASP B 132 -8.83 -19.76 -1.46
C ASP B 132 -7.95 -19.10 -2.57
N LEU B 133 -6.74 -19.63 -2.78
CA LEU B 133 -5.82 -19.10 -3.78
C LEU B 133 -5.76 -19.86 -5.11
N ASN B 134 -5.47 -21.16 -5.03
CA ASN B 134 -5.41 -22.00 -6.21
C ASN B 134 -6.84 -22.04 -6.75
N GLY B 135 -7.81 -21.96 -5.84
CA GLY B 135 -9.19 -21.94 -6.29
C GLY B 135 -9.46 -20.75 -7.19
N THR B 136 -9.03 -19.57 -6.78
CA THR B 136 -9.28 -18.39 -7.58
C THR B 136 -8.53 -18.49 -8.92
N PHE B 137 -7.30 -19.01 -8.88
CA PHE B 137 -6.49 -19.17 -10.07
C PHE B 137 -7.21 -20.01 -11.11
N HIS B 138 -7.68 -21.18 -10.70
CA HIS B 138 -8.41 -22.04 -11.61
C HIS B 138 -9.52 -21.20 -12.29
N CYS B 139 -10.37 -20.53 -11.50
CA CYS B 139 -11.45 -19.72 -12.06
C CYS B 139 -10.88 -18.84 -13.18
N ALA B 140 -9.89 -18.04 -12.84
CA ALA B 140 -9.22 -17.14 -13.78
C ALA B 140 -8.65 -17.86 -14.99
N LYS B 141 -7.91 -18.93 -14.75
CA LYS B 141 -7.29 -19.66 -15.87
C LYS B 141 -8.37 -20.20 -16.79
N ALA B 142 -9.34 -20.88 -16.19
CA ALA B 142 -10.43 -21.43 -16.98
C ALA B 142 -11.18 -20.41 -17.83
N VAL B 143 -11.51 -19.24 -17.27
CA VAL B 143 -12.28 -18.23 -18.03
C VAL B 143 -11.42 -17.29 -18.86
N GLY B 144 -10.16 -17.15 -18.44
CA GLY B 144 -9.25 -16.29 -19.16
C GLY B 144 -9.03 -16.77 -20.57
N HIS B 145 -9.15 -18.07 -20.80
CA HIS B 145 -8.97 -18.57 -22.16
C HIS B 145 -10.17 -18.05 -22.96
N HIS B 146 -11.36 -18.22 -22.40
CA HIS B 146 -12.56 -17.74 -23.07
C HIS B 146 -12.38 -16.23 -23.39
N PHE B 147 -12.05 -15.43 -22.38
CA PHE B 147 -11.86 -13.97 -22.63
C PHE B 147 -10.85 -13.66 -23.74
N LYS B 148 -9.70 -14.34 -23.77
CA LYS B 148 -8.70 -14.04 -24.81
C LYS B 148 -9.24 -14.27 -26.22
N GLU B 149 -9.99 -15.35 -26.39
CA GLU B 149 -10.59 -15.65 -27.69
C GLU B 149 -11.65 -14.62 -28.07
N ARG B 150 -12.48 -14.21 -27.11
CA ARG B 150 -13.53 -13.23 -27.42
C ARG B 150 -12.97 -11.83 -27.56
N GLY B 151 -11.77 -11.62 -27.05
CA GLY B 151 -11.14 -10.31 -27.12
C GLY B 151 -11.84 -9.35 -26.18
N THR B 152 -12.45 -9.88 -25.13
CA THR B 152 -13.17 -9.06 -24.13
C THR B 152 -13.45 -9.89 -22.86
N GLY B 153 -13.80 -9.20 -21.77
CA GLY B 153 -14.13 -9.84 -20.51
C GLY B 153 -13.78 -9.03 -19.26
N SER B 154 -14.46 -9.31 -18.14
CA SER B 154 -14.18 -8.66 -16.87
C SER B 154 -14.15 -9.73 -15.81
N LEU B 155 -13.01 -9.87 -15.15
CA LEU B 155 -12.86 -10.85 -14.09
C LEU B 155 -12.93 -10.06 -12.81
N VAL B 156 -13.73 -10.54 -11.88
CA VAL B 156 -13.86 -9.86 -10.60
C VAL B 156 -13.51 -10.92 -9.59
N ILE B 157 -12.51 -10.64 -8.77
CA ILE B 157 -12.06 -11.60 -7.78
C ILE B 157 -12.41 -11.09 -6.40
N THR B 158 -13.04 -11.94 -5.62
CA THR B 158 -13.40 -11.56 -4.30
C THR B 158 -12.21 -11.92 -3.45
N ALA B 159 -11.66 -10.90 -2.81
CA ALA B 159 -10.52 -11.09 -1.95
C ALA B 159 -11.03 -10.93 -0.55
N SER B 160 -10.43 -10.00 0.17
CA SER B 160 -10.79 -9.76 1.55
C SER B 160 -9.92 -8.68 2.16
N MET B 161 -10.44 -8.05 3.20
CA MET B 161 -9.68 -7.04 3.89
C MET B 161 -8.53 -7.83 4.50
N SER B 162 -8.78 -9.10 4.82
CA SER B 162 -7.73 -9.95 5.41
C SER B 162 -6.54 -10.12 4.47
N GLY B 163 -6.66 -9.60 3.26
CA GLY B 163 -5.55 -9.68 2.32
C GLY B 163 -4.67 -8.48 2.55
N HIS B 164 -5.19 -7.52 3.32
CA HIS B 164 -4.48 -6.26 3.65
C HIS B 164 -3.96 -6.22 5.08
N ILE B 165 -4.69 -6.83 6.00
CA ILE B 165 -4.29 -6.88 7.39
C ILE B 165 -4.63 -8.24 7.95
N ALA B 166 -4.18 -8.47 9.18
CA ALA B 166 -4.43 -9.74 9.83
C ALA B 166 -5.45 -9.45 10.89
N ASN B 167 -6.52 -10.22 10.85
CA ASN B 167 -7.62 -10.11 11.80
C ASN B 167 -7.12 -10.37 13.23
N PHE B 168 -7.85 -9.80 14.20
CA PHE B 168 -7.54 -9.93 15.61
C PHE B 168 -8.86 -10.05 16.36
N PRO B 169 -8.93 -10.91 17.40
CA PRO B 169 -7.84 -11.77 17.88
C PRO B 169 -7.75 -13.16 17.25
N GLN B 170 -8.49 -13.42 16.17
CA GLN B 170 -8.45 -14.73 15.52
C GLN B 170 -7.19 -14.96 14.69
N GLU B 171 -6.55 -16.12 14.86
CA GLU B 171 -5.37 -16.42 14.07
C GLU B 171 -5.78 -17.27 12.87
N GLN B 172 -5.59 -16.68 11.68
CA GLN B 172 -5.92 -17.27 10.39
C GLN B 172 -4.94 -16.81 9.32
N THR B 173 -3.64 -16.94 9.59
CA THR B 173 -2.63 -16.53 8.63
C THR B 173 -2.77 -17.23 7.27
N SER B 174 -3.07 -18.52 7.24
CA SER B 174 -3.20 -19.17 5.93
C SER B 174 -4.18 -18.41 5.02
N TYR B 175 -5.35 -18.06 5.59
CA TYR B 175 -6.44 -17.34 4.92
C TYR B 175 -6.00 -15.95 4.49
N ASN B 176 -5.35 -15.22 5.39
CA ASN B 176 -4.90 -13.88 5.07
C ASN B 176 -3.92 -13.88 3.91
N VAL B 177 -3.06 -14.89 3.88
CA VAL B 177 -2.05 -15.00 2.80
C VAL B 177 -2.67 -15.36 1.47
N ALA B 178 -3.65 -16.25 1.46
CA ALA B 178 -4.25 -16.64 0.17
C ALA B 178 -5.01 -15.47 -0.37
N LYS B 179 -5.55 -14.65 0.53
CA LYS B 179 -6.31 -13.47 0.14
C LYS B 179 -5.40 -12.41 -0.41
N ALA B 180 -4.22 -12.28 0.16
CA ALA B 180 -3.29 -11.26 -0.36
C ALA B 180 -2.84 -11.73 -1.76
N GLY B 181 -2.58 -13.02 -1.88
CA GLY B 181 -2.18 -13.54 -3.18
C GLY B 181 -3.31 -13.28 -4.18
N CYS B 182 -4.55 -13.31 -3.71
CA CYS B 182 -5.70 -13.06 -4.57
C CYS B 182 -5.68 -11.62 -5.06
N ILE B 183 -5.42 -10.69 -4.14
CA ILE B 183 -5.36 -9.28 -4.49
C ILE B 183 -4.29 -9.02 -5.52
N HIS B 184 -3.10 -9.57 -5.30
CA HIS B 184 -2.06 -9.30 -6.28
C HIS B 184 -2.34 -10.02 -7.59
N MET B 185 -2.95 -11.21 -7.51
CA MET B 185 -3.28 -11.90 -8.75
C MET B 185 -4.12 -10.93 -9.60
N ALA B 186 -4.99 -10.14 -8.98
CA ALA B 186 -5.82 -9.20 -9.74
C ALA B 186 -4.97 -8.16 -10.49
N ARG B 187 -3.89 -7.71 -9.87
CA ARG B 187 -3.02 -6.71 -10.49
C ARG B 187 -2.17 -7.32 -11.61
N SER B 188 -1.68 -8.53 -11.36
CA SER B 188 -0.82 -9.22 -12.32
C SER B 188 -1.54 -9.66 -13.59
N LEU B 189 -2.76 -10.19 -13.45
CA LEU B 189 -3.54 -10.65 -14.59
C LEU B 189 -4.09 -9.44 -15.34
N ALA B 190 -4.36 -8.38 -14.61
CA ALA B 190 -4.86 -7.17 -15.24
C ALA B 190 -3.84 -6.81 -16.30
N ASN B 191 -2.57 -6.99 -15.97
CA ASN B 191 -1.49 -6.69 -16.91
C ASN B 191 -1.30 -7.78 -17.97
N GLU B 192 -1.37 -9.03 -17.56
CA GLU B 192 -1.16 -10.14 -18.48
C GLU B 192 -2.24 -10.14 -19.59
N TRP B 193 -3.46 -9.87 -19.18
CA TRP B 193 -4.60 -9.83 -20.11
C TRP B 193 -4.87 -8.40 -20.61
N ARG B 194 -3.94 -7.47 -20.41
CA ARG B 194 -4.15 -6.07 -20.80
C ARG B 194 -4.70 -5.81 -22.19
N ASP B 195 -4.64 -6.80 -23.07
CA ASP B 195 -5.14 -6.62 -24.45
C ASP B 195 -6.54 -7.13 -24.65
N PHE B 196 -7.12 -7.77 -23.65
CA PHE B 196 -8.46 -8.30 -23.83
C PHE B 196 -9.42 -8.31 -22.65
N ALA B 197 -8.90 -8.30 -21.42
CA ALA B 197 -9.81 -8.33 -20.27
C ALA B 197 -9.38 -7.50 -19.08
N ARG B 198 -10.37 -7.11 -18.28
CA ARG B 198 -10.11 -6.32 -17.10
C ARG B 198 -10.15 -7.20 -15.86
N VAL B 199 -9.27 -6.92 -14.91
CA VAL B 199 -9.20 -7.71 -13.68
C VAL B 199 -9.10 -6.79 -12.46
N ASN B 200 -10.02 -6.98 -11.52
CA ASN B 200 -10.08 -6.16 -10.31
C ASN B 200 -10.51 -7.02 -9.16
N SER B 201 -10.19 -6.58 -7.96
CA SER B 201 -10.56 -7.33 -6.76
C SER B 201 -11.32 -6.47 -5.76
N ILE B 202 -12.23 -7.08 -5.02
CA ILE B 202 -12.94 -6.35 -3.97
C ILE B 202 -12.55 -7.02 -2.66
N SER B 203 -12.20 -6.20 -1.68
CA SER B 203 -11.80 -6.69 -0.36
C SER B 203 -12.81 -6.32 0.72
N PRO B 204 -13.76 -7.20 1.00
CA PRO B 204 -14.75 -6.87 2.03
C PRO B 204 -14.32 -7.18 3.47
N GLY B 205 -14.83 -6.40 4.41
CA GLY B 205 -14.50 -6.61 5.81
C GLY B 205 -15.48 -7.62 6.40
N TYR B 206 -15.86 -7.45 7.65
CA TYR B 206 -16.80 -8.38 8.26
C TYR B 206 -18.19 -8.21 7.67
N ILE B 207 -18.67 -9.23 6.97
CA ILE B 207 -20.00 -9.15 6.40
C ILE B 207 -20.87 -10.28 6.91
N ASP B 208 -22.05 -9.93 7.39
CA ASP B 208 -22.95 -10.94 7.89
C ASP B 208 -23.76 -11.52 6.74
N THR B 209 -23.80 -12.86 6.68
CA THR B 209 -24.57 -13.55 5.65
C THR B 209 -25.58 -14.46 6.36
N GLY B 210 -25.83 -14.17 7.64
CA GLY B 210 -26.79 -14.94 8.42
C GLY B 210 -26.21 -15.89 9.46
N LEU B 211 -24.88 -15.94 9.54
CA LEU B 211 -24.20 -16.83 10.49
C LEU B 211 -23.58 -16.08 11.67
N SER B 212 -24.03 -14.84 11.89
CA SER B 212 -23.52 -14.03 12.99
C SER B 212 -23.74 -14.72 14.33
N ASP B 213 -24.83 -15.47 14.44
CA ASP B 213 -25.17 -16.17 15.68
C ASP B 213 -24.02 -17.04 16.20
N PHE B 214 -23.37 -17.76 15.29
CA PHE B 214 -22.26 -18.64 15.65
C PHE B 214 -21.02 -17.89 16.11
N VAL B 215 -21.20 -16.68 16.64
CA VAL B 215 -20.06 -15.90 17.10
C VAL B 215 -20.33 -15.29 18.48
N PRO B 216 -19.44 -15.55 19.45
CA PRO B 216 -19.54 -15.05 20.82
C PRO B 216 -19.83 -13.56 20.90
N LYS B 217 -20.70 -13.17 21.83
CA LYS B 217 -21.07 -11.78 22.00
C LYS B 217 -19.83 -10.91 22.18
N GLU B 218 -18.86 -11.43 22.92
CA GLU B 218 -17.62 -10.69 23.14
C GLU B 218 -16.94 -10.46 21.79
N THR B 219 -16.47 -11.54 21.19
CA THR B 219 -15.79 -11.49 19.90
C THR B 219 -16.33 -10.42 18.96
N GLN B 220 -17.64 -10.42 18.75
CA GLN B 220 -18.29 -9.46 17.88
C GLN B 220 -18.13 -8.04 18.40
N GLN B 221 -18.28 -7.88 19.71
CA GLN B 221 -18.15 -6.58 20.36
C GLN B 221 -16.76 -5.99 20.13
N LEU B 222 -15.74 -6.84 20.21
CA LEU B 222 -14.36 -6.40 19.98
C LEU B 222 -14.17 -5.96 18.53
N TRP B 223 -14.70 -6.75 17.61
CA TRP B 223 -14.60 -6.43 16.18
C TRP B 223 -15.26 -5.09 15.83
N HIS B 224 -16.49 -4.89 16.31
CA HIS B 224 -17.25 -3.68 16.03
C HIS B 224 -16.52 -2.44 16.55
N SER B 225 -15.85 -2.58 17.68
CA SER B 225 -15.13 -1.46 18.26
C SER B 225 -13.94 -1.05 17.38
N MET B 226 -13.56 -1.92 16.43
CA MET B 226 -12.43 -1.62 15.55
C MET B 226 -12.92 -1.15 14.18
N ILE B 227 -14.23 -1.25 13.99
CA ILE B 227 -14.87 -0.84 12.75
C ILE B 227 -15.51 0.52 12.96
N PRO B 228 -14.88 1.59 12.46
CA PRO B 228 -15.45 2.92 12.62
C PRO B 228 -16.96 2.98 12.44
N MET B 229 -17.49 2.21 11.50
CA MET B 229 -18.94 2.21 11.30
C MET B 229 -19.63 1.54 12.48
N GLY B 230 -18.90 0.68 13.18
CA GLY B 230 -19.43 0.00 14.36
C GLY B 230 -20.45 -1.10 14.20
N ARG B 231 -20.59 -1.63 12.99
CA ARG B 231 -21.54 -2.70 12.68
C ARG B 231 -21.02 -3.50 11.48
N ASP B 232 -21.47 -4.75 11.37
CA ASP B 232 -21.06 -5.57 10.24
C ASP B 232 -21.73 -4.95 9.01
N GLY B 233 -21.24 -5.29 7.83
CA GLY B 233 -21.84 -4.78 6.61
C GLY B 233 -22.75 -5.89 6.13
N LEU B 234 -23.44 -5.66 5.02
CA LEU B 234 -24.33 -6.67 4.46
C LEU B 234 -23.90 -6.91 3.02
N ALA B 235 -24.26 -8.09 2.50
CA ALA B 235 -23.90 -8.49 1.15
C ALA B 235 -24.57 -7.54 0.16
N LYS B 236 -25.79 -7.12 0.48
CA LYS B 236 -26.51 -6.21 -0.39
C LYS B 236 -25.78 -4.89 -0.53
N GLU B 237 -24.78 -4.65 0.30
CA GLU B 237 -23.98 -3.42 0.21
C GLU B 237 -22.76 -3.68 -0.67
N LEU B 238 -22.62 -4.92 -1.11
CA LEU B 238 -21.51 -5.30 -1.96
C LEU B 238 -21.97 -5.50 -3.40
N LYS B 239 -23.29 -5.42 -3.64
CA LYS B 239 -23.82 -5.62 -5.00
C LYS B 239 -23.42 -4.52 -5.98
N GLY B 240 -23.33 -3.28 -5.49
CA GLY B 240 -22.94 -2.19 -6.36
C GLY B 240 -21.50 -2.33 -6.84
N ALA B 241 -20.59 -2.75 -5.96
CA ALA B 241 -19.19 -2.92 -6.37
C ALA B 241 -19.05 -4.00 -7.43
N TYR B 242 -19.78 -5.09 -7.27
CA TYR B 242 -19.71 -6.18 -8.25
C TYR B 242 -20.21 -5.75 -9.62
N VAL B 243 -21.40 -5.18 -9.72
CA VAL B 243 -21.90 -4.76 -11.03
C VAL B 243 -20.91 -3.74 -11.59
N TYR B 244 -20.48 -2.80 -10.75
CA TYR B 244 -19.54 -1.77 -11.18
C TYR B 244 -18.37 -2.40 -11.94
N PHE B 245 -17.75 -3.45 -11.40
CA PHE B 245 -16.63 -4.06 -12.10
C PHE B 245 -17.03 -4.94 -13.31
N ALA B 246 -18.17 -5.60 -13.23
CA ALA B 246 -18.60 -6.46 -14.33
C ALA B 246 -19.11 -5.72 -15.56
N SER B 247 -19.49 -4.46 -15.37
CA SER B 247 -20.06 -3.66 -16.46
C SER B 247 -19.10 -2.66 -17.10
N ASP B 248 -19.62 -1.92 -18.07
CA ASP B 248 -18.85 -0.92 -18.79
C ASP B 248 -18.86 0.43 -18.08
N ALA B 249 -18.97 0.41 -16.74
CA ALA B 249 -18.95 1.62 -15.93
C ALA B 249 -17.53 1.83 -15.42
N SER B 250 -16.66 0.89 -15.77
CA SER B 250 -15.25 0.88 -15.37
C SER B 250 -14.36 0.40 -16.50
N THR B 251 -14.69 0.78 -17.73
CA THR B 251 -13.89 0.37 -18.87
C THR B 251 -12.41 0.81 -18.78
N TYR B 252 -12.09 1.69 -17.85
CA TYR B 252 -10.70 2.11 -17.68
C TYR B 252 -10.15 1.69 -16.33
N THR B 253 -10.89 0.87 -15.61
CA THR B 253 -10.43 0.45 -14.31
C THR B 253 -10.05 -1.02 -14.36
N THR B 254 -8.75 -1.27 -14.27
CA THR B 254 -8.25 -2.63 -14.28
C THR B 254 -7.03 -2.71 -13.36
N GLY B 255 -6.96 -3.81 -12.63
CA GLY B 255 -5.88 -3.98 -11.70
C GLY B 255 -6.13 -3.18 -10.44
N ALA B 256 -7.40 -2.92 -10.15
CA ALA B 256 -7.71 -2.16 -8.95
C ALA B 256 -8.36 -3.06 -7.89
N ASP B 257 -8.36 -2.56 -6.65
CA ASP B 257 -8.96 -3.26 -5.50
C ASP B 257 -9.76 -2.22 -4.74
N LEU B 258 -10.95 -2.60 -4.28
CA LEU B 258 -11.82 -1.70 -3.53
C LEU B 258 -12.19 -2.36 -2.20
N LEU B 259 -11.66 -1.81 -1.11
CA LEU B 259 -11.94 -2.31 0.22
C LEU B 259 -13.35 -1.88 0.58
N ILE B 260 -14.15 -2.82 1.08
CA ILE B 260 -15.51 -2.52 1.53
C ILE B 260 -15.51 -3.13 2.93
N ASP B 261 -15.02 -2.35 3.89
CA ASP B 261 -14.84 -2.84 5.26
C ASP B 261 -15.41 -2.01 6.38
N GLY B 262 -16.20 -1.00 6.05
CA GLY B 262 -16.74 -0.15 7.10
C GLY B 262 -15.64 0.77 7.63
N GLY B 263 -14.48 0.77 6.99
CA GLY B 263 -13.40 1.63 7.42
C GLY B 263 -12.37 0.93 8.29
N TYR B 264 -12.51 -0.39 8.45
CA TYR B 264 -11.58 -1.18 9.28
C TYR B 264 -10.10 -0.96 8.95
N THR B 265 -9.73 -0.89 7.68
CA THR B 265 -8.31 -0.72 7.35
C THR B 265 -7.80 0.71 7.53
N THR B 266 -8.68 1.57 8.00
CA THR B 266 -8.35 2.98 8.20
C THR B 266 -7.51 3.17 9.48
N ARG B 267 -7.62 2.23 10.41
CA ARG B 267 -6.86 2.30 11.66
C ARG B 267 -5.63 1.38 11.64
N MET C 1 32.85 12.55 -13.16
CA MET C 1 31.86 12.27 -12.08
C MET C 1 30.72 11.39 -12.60
N PRO C 2 30.69 10.11 -12.19
CA PRO C 2 29.66 9.16 -12.61
C PRO C 2 28.30 9.46 -12.00
N GLY C 3 27.55 8.41 -11.70
CA GLY C 3 26.22 8.58 -11.12
C GLY C 3 26.00 7.85 -9.80
N GLN C 4 24.85 7.20 -9.66
CA GLN C 4 24.51 6.48 -8.44
C GLN C 4 24.82 5.00 -8.57
N GLN C 5 26.02 4.62 -8.16
CA GLN C 5 26.46 3.23 -8.25
C GLN C 5 26.39 2.51 -6.91
N ALA C 6 26.61 1.19 -6.96
CA ALA C 6 26.59 0.39 -5.76
C ALA C 6 27.79 0.78 -4.90
N THR C 7 27.71 0.50 -3.60
CA THR C 7 28.81 0.81 -2.70
C THR C 7 30.06 0.11 -3.21
N LYS C 8 31.22 0.67 -2.94
CA LYS C 8 32.45 0.02 -3.37
C LYS C 8 32.87 -0.94 -2.26
N HIS C 9 32.12 -0.97 -1.16
CA HIS C 9 32.44 -1.83 0.01
C HIS C 9 31.76 -3.21 0.09
N GLU C 10 32.58 -4.25 0.29
CA GLU C 10 32.11 -5.64 0.42
C GLU C 10 31.81 -5.99 1.88
N SER C 11 32.55 -5.38 2.80
CA SER C 11 32.36 -5.61 4.22
C SER C 11 31.18 -4.77 4.69
N LEU C 12 30.37 -5.32 5.60
CA LEU C 12 29.20 -4.60 6.10
C LEU C 12 29.65 -3.47 7.02
N LEU C 13 30.68 -3.73 7.82
CA LEU C 13 31.12 -2.68 8.73
C LEU C 13 31.63 -1.47 7.98
N ASP C 14 32.11 -1.70 6.77
CA ASP C 14 32.61 -0.62 5.92
C ASP C 14 31.47 0.17 5.28
N GLN C 15 30.36 -0.51 5.00
CA GLN C 15 29.21 0.16 4.38
C GLN C 15 28.51 0.99 5.45
N LEU C 16 28.38 0.43 6.63
CA LEU C 16 27.72 1.15 7.70
C LEU C 16 28.52 2.36 8.13
N SER C 17 29.84 2.19 8.21
CA SER C 17 30.71 3.27 8.64
C SER C 17 30.44 4.60 7.94
N LEU C 18 30.40 5.66 8.73
CA LEU C 18 30.20 7.00 8.20
C LEU C 18 31.48 7.79 8.44
N LYS C 19 32.58 7.08 8.66
CA LYS C 19 33.85 7.76 8.87
C LYS C 19 34.04 8.65 7.65
N GLY C 20 34.66 9.80 7.85
CA GLY C 20 34.88 10.72 6.75
C GLY C 20 33.64 11.41 6.20
N LYS C 21 32.48 11.17 6.78
CA LYS C 21 31.27 11.80 6.25
C LYS C 21 30.60 12.80 7.20
N VAL C 22 29.77 13.68 6.64
CA VAL C 22 29.04 14.66 7.46
C VAL C 22 27.51 14.46 7.40
N VAL C 23 26.91 14.24 8.56
CA VAL C 23 25.46 14.05 8.63
C VAL C 23 24.84 15.19 9.45
N VAL C 24 23.66 15.64 9.04
CA VAL C 24 22.96 16.68 9.80
C VAL C 24 21.63 16.11 10.34
N VAL C 25 21.32 16.41 11.59
CA VAL C 25 20.10 15.91 12.24
C VAL C 25 19.32 17.11 12.75
N THR C 26 18.08 17.29 12.28
CA THR C 26 17.30 18.43 12.72
C THR C 26 16.48 18.29 13.99
N GLY C 27 16.15 17.07 14.38
CA GLY C 27 15.32 16.93 15.57
C GLY C 27 16.00 16.98 16.92
N ALA C 28 17.23 16.47 16.96
CA ALA C 28 18.03 16.42 18.18
C ALA C 28 18.18 17.79 18.78
N SER C 29 17.87 17.90 20.08
CA SER C 29 17.96 19.16 20.82
C SER C 29 17.72 18.86 22.30
N GLY C 30 17.27 17.63 22.57
CA GLY C 30 17.02 17.21 23.93
C GLY C 30 17.79 15.95 24.28
N PRO C 31 17.84 15.57 25.57
CA PRO C 31 18.56 14.36 26.04
C PRO C 31 18.01 13.08 25.42
N LYS C 32 16.75 13.13 25.02
CA LYS C 32 16.10 11.99 24.41
C LYS C 32 15.35 12.48 23.17
N GLY C 33 14.79 11.56 22.42
CA GLY C 33 14.06 11.93 21.23
C GLY C 33 14.61 11.25 19.99
N MET C 34 13.80 11.16 18.95
CA MET C 34 14.27 10.53 17.74
C MET C 34 15.54 11.21 17.21
N GLY C 35 15.55 12.53 17.24
CA GLY C 35 16.71 13.26 16.74
C GLY C 35 18.07 12.93 17.36
N ILE C 36 18.13 12.98 18.69
CA ILE C 36 19.36 12.71 19.43
C ILE C 36 19.86 11.29 19.22
N GLU C 37 18.94 10.33 19.17
CA GLU C 37 19.33 8.93 18.99
C GLU C 37 19.82 8.66 17.57
N ALA C 38 19.51 9.57 16.65
CA ALA C 38 19.98 9.42 15.30
C ALA C 38 21.44 9.87 15.27
N ALA C 39 21.69 11.04 15.85
CA ALA C 39 23.04 11.61 15.88
C ALA C 39 24.04 10.68 16.56
N ARG C 40 23.62 10.08 17.67
CA ARG C 40 24.46 9.15 18.42
C ARG C 40 24.85 7.94 17.57
N GLY C 41 23.86 7.32 16.93
CA GLY C 41 24.13 6.17 16.09
C GLY C 41 25.06 6.54 14.96
N CYS C 42 24.82 7.68 14.32
CA CYS C 42 25.70 8.10 13.24
C CYS C 42 27.09 8.40 13.78
N ALA C 43 27.15 9.14 14.88
CA ALA C 43 28.43 9.46 15.51
C ALA C 43 29.19 8.18 15.87
N GLU C 44 28.48 7.20 16.42
CA GLU C 44 29.12 5.95 16.77
C GLU C 44 29.71 5.36 15.51
N MET C 45 29.13 5.70 14.36
CA MET C 45 29.65 5.18 13.11
C MET C 45 30.87 5.98 12.64
N GLY C 46 31.23 6.99 13.43
CA GLY C 46 32.39 7.81 13.11
C GLY C 46 32.10 8.99 12.20
N ALA C 47 30.87 9.46 12.18
CA ALA C 47 30.56 10.59 11.31
C ALA C 47 30.63 11.92 12.04
N ALA C 48 30.78 12.98 11.27
CA ALA C 48 30.81 14.32 11.81
C ALA C 48 29.32 14.65 11.81
N VAL C 49 28.81 15.03 12.97
CA VAL C 49 27.40 15.31 13.16
C VAL C 49 27.05 16.76 13.45
N ALA C 50 26.06 17.28 12.74
CA ALA C 50 25.58 18.65 12.95
C ALA C 50 24.10 18.49 13.34
N ILE C 51 23.68 19.08 14.45
CA ILE C 51 22.30 18.92 14.87
C ILE C 51 21.64 20.30 14.95
N THR C 52 20.31 20.35 14.89
CA THR C 52 19.61 21.61 14.92
C THR C 52 18.65 21.74 16.12
N TYR C 53 18.26 22.97 16.43
CA TYR C 53 17.36 23.29 17.52
C TYR C 53 16.45 24.40 16.98
N ALA C 54 15.17 24.36 17.36
CA ALA C 54 14.12 25.31 16.96
C ALA C 54 14.33 26.57 17.79
N SER C 55 14.94 26.34 18.94
CA SER C 55 15.35 27.30 19.92
C SER C 55 15.54 26.70 21.31
N ARG C 56 16.13 27.46 22.24
CA ARG C 56 16.49 26.94 23.54
C ARG C 56 17.67 26.11 23.06
N ALA C 57 18.71 26.82 22.62
CA ALA C 57 19.93 26.24 22.10
C ALA C 57 20.71 25.40 23.12
N GLN C 58 20.63 25.76 24.40
CA GLN C 58 21.32 25.04 25.48
C GLN C 58 21.25 23.52 25.41
N GLY C 59 20.07 23.03 25.07
CA GLY C 59 19.94 21.59 24.97
C GLY C 59 20.71 21.02 23.80
N ALA C 60 20.74 21.77 22.72
CA ALA C 60 21.50 21.32 21.58
C ALA C 60 22.99 21.40 21.85
N GLU C 61 23.37 22.34 22.71
CA GLU C 61 24.77 22.48 23.08
C GLU C 61 25.17 21.32 23.96
N GLU C 62 24.28 20.94 24.88
CA GLU C 62 24.55 19.82 25.77
C GLU C 62 24.87 18.60 24.91
N ASN C 63 23.94 18.24 24.02
CA ASN C 63 24.14 17.09 23.15
C ASN C 63 25.43 17.14 22.35
N VAL C 64 25.71 18.27 21.72
CA VAL C 64 26.94 18.40 20.95
C VAL C 64 28.11 17.96 21.85
N LYS C 65 28.13 18.51 23.06
CA LYS C 65 29.18 18.17 24.02
C LYS C 65 29.23 16.69 24.26
N GLU C 66 28.07 16.08 24.47
CA GLU C 66 28.04 14.64 24.72
C GLU C 66 28.61 13.82 23.57
N LEU C 67 28.08 14.02 22.36
CA LEU C 67 28.53 13.27 21.20
C LEU C 67 30.06 13.29 21.10
N GLU C 68 30.61 14.50 21.04
CA GLU C 68 32.05 14.69 20.92
C GLU C 68 32.82 14.03 22.07
N LYS C 69 32.26 14.07 23.28
CA LYS C 69 32.95 13.47 24.41
C LYS C 69 32.59 12.01 24.62
N THR C 70 31.68 11.49 23.83
CA THR C 70 31.32 10.09 24.00
C THR C 70 31.85 9.28 22.84
N TYR C 71 31.77 9.83 21.64
CA TYR C 71 32.23 9.15 20.42
C TYR C 71 33.54 9.68 19.89
N GLY C 72 33.95 10.86 20.37
CA GLY C 72 35.22 11.44 19.93
C GLY C 72 35.22 12.03 18.54
N ILE C 73 34.05 12.41 18.05
CA ILE C 73 33.91 13.01 16.74
C ILE C 73 33.62 14.50 16.85
N LYS C 74 33.73 15.20 15.73
CA LYS C 74 33.45 16.62 15.72
C LYS C 74 31.95 16.76 15.48
N ALA C 75 31.34 17.77 16.13
CA ALA C 75 29.90 18.04 16.02
C ALA C 75 29.55 19.47 16.43
N LYS C 76 28.47 20.03 15.90
CA LYS C 76 28.06 21.38 16.26
C LYS C 76 26.56 21.55 16.20
N ALA C 77 26.05 22.64 16.76
CA ALA C 77 24.60 22.85 16.73
C ALA C 77 24.22 24.10 15.97
N TYR C 78 23.09 24.07 15.28
CA TYR C 78 22.66 25.27 14.56
C TYR C 78 21.17 25.47 14.82
N LYS C 79 20.69 26.66 14.51
CA LYS C 79 19.28 26.90 14.70
C LYS C 79 18.57 26.73 13.36
N CYS C 80 17.44 26.05 13.36
CA CYS C 80 16.70 25.90 12.13
C CYS C 80 15.21 25.83 12.38
N GLN C 81 14.48 26.69 11.70
CA GLN C 81 13.03 26.68 11.83
C GLN C 81 12.61 26.05 10.50
N VAL C 82 12.51 24.72 10.50
CA VAL C 82 12.15 24.00 9.29
C VAL C 82 10.98 24.65 8.55
N ASP C 83 10.11 25.37 9.26
CA ASP C 83 8.99 26.01 8.58
C ASP C 83 9.37 27.25 7.78
N SER C 84 10.65 27.59 7.81
CA SER C 84 11.18 28.73 7.07
C SER C 84 12.16 28.22 6.03
N TYR C 85 11.88 28.44 4.74
CA TYR C 85 12.82 27.95 3.74
C TYR C 85 14.19 28.56 3.98
N GLU C 86 14.26 29.89 3.97
CA GLU C 86 15.50 30.63 4.18
C GLU C 86 16.31 30.09 5.38
N SER C 87 15.61 29.69 6.44
CA SER C 87 16.28 29.13 7.59
C SER C 87 16.99 27.82 7.26
N CYS C 88 16.33 26.99 6.47
CA CYS C 88 16.87 25.70 6.06
C CYS C 88 18.01 25.89 5.06
N GLU C 89 17.85 26.82 4.15
CA GLU C 89 18.90 27.08 3.17
C GLU C 89 20.11 27.64 3.93
N LYS C 90 19.90 28.53 4.89
CA LYS C 90 21.02 29.05 5.67
C LYS C 90 21.65 27.91 6.49
N LEU C 91 20.82 26.95 6.93
CA LEU C 91 21.30 25.81 7.69
C LEU C 91 22.31 25.00 6.87
N VAL C 92 22.03 24.87 5.58
CA VAL C 92 22.91 24.13 4.67
C VAL C 92 24.19 24.89 4.34
N LYS C 93 24.05 26.18 4.06
CA LYS C 93 25.16 27.06 3.74
C LYS C 93 26.13 27.06 4.90
N ASP C 94 25.61 27.14 6.12
CA ASP C 94 26.48 27.13 7.28
C ASP C 94 27.17 25.79 7.51
N VAL C 95 26.42 24.70 7.64
CA VAL C 95 27.03 23.38 7.85
C VAL C 95 28.21 23.17 6.90
N VAL C 96 27.96 23.34 5.60
CA VAL C 96 29.01 23.15 4.59
C VAL C 96 30.19 24.10 4.77
N ALA C 97 29.91 25.36 5.14
CA ALA C 97 31.00 26.30 5.36
C ALA C 97 31.87 25.78 6.48
N ASP C 98 31.25 25.18 7.48
CA ASP C 98 32.00 24.66 8.63
C ASP C 98 32.41 23.21 8.56
N PHE C 99 31.75 22.42 7.73
CA PHE C 99 32.09 21.00 7.66
C PHE C 99 32.69 20.62 6.33
N GLY C 100 32.38 21.41 5.30
CA GLY C 100 32.88 21.14 3.98
C GLY C 100 31.90 20.41 3.08
N GLN C 101 30.96 19.67 3.67
CA GLN C 101 29.98 18.93 2.87
C GLN C 101 28.91 18.28 3.73
N ILE C 102 27.88 17.76 3.05
CA ILE C 102 26.83 17.04 3.73
C ILE C 102 26.58 15.78 2.95
N ASP C 103 26.77 14.65 3.61
CA ASP C 103 26.54 13.39 2.95
C ASP C 103 25.14 12.87 3.20
N ALA C 104 24.68 12.91 4.44
CA ALA C 104 23.33 12.46 4.78
C ALA C 104 22.57 13.57 5.52
N PHE C 105 21.26 13.60 5.33
CA PHE C 105 20.38 14.59 5.94
C PHE C 105 19.14 13.89 6.50
N ILE C 106 18.99 13.95 7.83
CA ILE C 106 17.85 13.33 8.48
C ILE C 106 16.91 14.42 9.01
N ALA C 107 15.84 14.62 8.25
CA ALA C 107 14.86 15.65 8.56
C ALA C 107 13.75 15.21 9.45
N ASN C 108 13.50 16.01 10.49
CA ASN C 108 12.42 15.70 11.41
C ASN C 108 11.60 16.96 11.67
N ALA C 109 10.28 16.85 11.44
CA ALA C 109 9.31 17.93 11.63
C ALA C 109 8.41 17.45 12.76
N GLY C 110 8.57 18.06 13.94
CA GLY C 110 7.79 17.65 15.12
C GLY C 110 6.37 18.15 15.44
N ALA C 111 5.87 19.14 14.71
CA ALA C 111 4.53 19.68 15.01
C ALA C 111 3.47 18.61 15.26
N THR C 112 2.73 18.69 16.37
CA THR C 112 1.66 17.72 16.67
C THR C 112 0.27 18.35 16.45
N ALA C 113 -0.75 17.52 16.39
CA ALA C 113 -2.11 18.01 16.23
C ALA C 113 -2.89 17.56 17.47
N ASP C 114 -3.86 18.36 17.91
CA ASP C 114 -4.62 17.98 19.08
C ASP C 114 -6.14 17.78 18.85
N SER C 115 -6.55 17.67 17.60
CA SER C 115 -7.97 17.48 17.30
C SER C 115 -8.18 17.17 15.83
N GLY C 116 -9.43 16.82 15.50
CA GLY C 116 -9.82 16.52 14.15
C GLY C 116 -10.07 17.79 13.36
N ILE C 117 -10.37 17.61 12.09
CA ILE C 117 -10.58 18.73 11.18
C ILE C 117 -11.75 19.64 11.53
N LEU C 118 -12.80 19.03 12.07
CA LEU C 118 -14.01 19.75 12.47
C LEU C 118 -13.80 20.67 13.68
N ASP C 119 -13.14 20.17 14.74
CA ASP C 119 -12.89 20.98 15.92
C ASP C 119 -11.70 21.92 15.73
N GLY C 120 -10.68 21.48 15.00
CA GLY C 120 -9.53 22.33 14.77
C GLY C 120 -9.82 23.42 13.75
N SER C 121 -9.06 24.50 13.78
CA SER C 121 -9.30 25.58 12.85
C SER C 121 -8.48 25.42 11.57
N VAL C 122 -8.66 26.33 10.62
CA VAL C 122 -7.88 26.29 9.39
C VAL C 122 -6.44 26.65 9.77
N GLU C 123 -6.31 27.62 10.67
CA GLU C 123 -5.01 28.10 11.19
C GLU C 123 -4.26 26.92 11.76
N ALA C 124 -4.94 26.08 12.53
CA ALA C 124 -4.30 24.92 13.13
C ALA C 124 -3.85 23.89 12.08
N TRP C 125 -4.68 23.69 11.05
CA TRP C 125 -4.34 22.75 9.98
C TRP C 125 -3.07 23.28 9.32
N ASN C 126 -3.14 24.51 8.83
CA ASN C 126 -2.04 25.17 8.15
C ASN C 126 -0.71 25.11 8.86
N HIS C 127 -0.74 25.27 10.18
CA HIS C 127 0.48 25.22 10.96
C HIS C 127 1.09 23.84 10.80
N VAL C 128 0.36 22.81 11.24
CA VAL C 128 0.86 21.45 11.15
C VAL C 128 1.35 21.06 9.75
N VAL C 129 0.64 21.50 8.72
CA VAL C 129 1.05 21.22 7.35
C VAL C 129 2.31 22.00 7.00
N GLN C 130 2.38 23.26 7.46
CA GLN C 130 3.53 24.07 7.15
C GLN C 130 4.79 23.49 7.81
N VAL C 131 4.68 23.13 9.08
CA VAL C 131 5.79 22.60 9.84
C VAL C 131 6.14 21.17 9.51
N ASP C 132 5.15 20.29 9.47
CA ASP C 132 5.41 18.90 9.23
C ASP C 132 5.56 18.54 7.77
N LEU C 133 4.72 19.08 6.90
CA LEU C 133 4.86 18.78 5.49
C LEU C 133 5.87 19.73 4.85
N ASN C 134 5.50 21.02 4.70
CA ASN C 134 6.38 21.98 4.06
C ASN C 134 7.79 22.09 4.64
N GLY C 135 7.90 21.91 5.95
CA GLY C 135 9.19 21.97 6.62
C GLY C 135 10.10 20.87 6.12
N THR C 136 9.52 19.72 5.81
CA THR C 136 10.33 18.63 5.30
C THR C 136 10.67 18.96 3.86
N PHE C 137 9.72 19.57 3.15
CA PHE C 137 9.99 19.97 1.78
C PHE C 137 11.16 20.96 1.85
N HIS C 138 11.11 21.91 2.78
CA HIS C 138 12.20 22.91 2.92
C HIS C 138 13.57 22.28 3.13
N CYS C 139 13.62 21.26 3.98
CA CYS C 139 14.85 20.54 4.28
C CYS C 139 15.42 19.86 3.04
N ALA C 140 14.58 19.07 2.38
CA ALA C 140 14.98 18.40 1.16
C ALA C 140 15.41 19.43 0.11
N LYS C 141 14.63 20.49 -0.06
CA LYS C 141 15.02 21.48 -1.08
C LYS C 141 16.36 22.13 -0.76
N ALA C 142 16.63 22.37 0.53
CA ALA C 142 17.88 23.00 0.95
C ALA C 142 19.08 22.08 0.71
N VAL C 143 18.98 20.83 1.15
CA VAL C 143 20.07 19.88 0.96
C VAL C 143 20.11 19.32 -0.46
N GLY C 144 18.99 19.36 -1.16
CA GLY C 144 18.94 18.85 -2.52
C GLY C 144 19.92 19.49 -3.51
N HIS C 145 20.01 20.83 -3.51
CA HIS C 145 20.91 21.53 -4.43
C HIS C 145 22.38 21.24 -4.11
N HIS C 146 22.68 20.97 -2.84
CA HIS C 146 24.05 20.64 -2.44
C HIS C 146 24.37 19.23 -2.93
N PHE C 147 23.42 18.31 -2.70
CA PHE C 147 23.56 16.91 -3.11
C PHE C 147 23.73 16.85 -4.63
N LYS C 148 23.08 17.78 -5.33
CA LYS C 148 23.16 17.81 -6.79
C LYS C 148 24.54 18.24 -7.29
N GLU C 149 25.15 19.19 -6.60
CA GLU C 149 26.48 19.68 -6.93
C GLU C 149 27.57 18.62 -6.68
N ARG C 150 27.39 17.78 -5.65
CA ARG C 150 28.36 16.76 -5.30
C ARG C 150 28.16 15.41 -5.97
N GLY C 151 26.99 15.21 -6.55
CA GLY C 151 26.70 13.96 -7.22
C GLY C 151 26.44 12.81 -6.27
N THR C 152 26.16 13.13 -5.02
CA THR C 152 25.87 12.09 -4.05
C THR C 152 25.15 12.66 -2.86
N GLY C 153 24.52 11.78 -2.09
CA GLY C 153 23.79 12.18 -0.90
C GLY C 153 22.75 11.18 -0.46
N SER C 154 22.36 11.27 0.80
CA SER C 154 21.34 10.37 1.31
C SER C 154 20.38 11.14 2.22
N LEU C 155 19.15 11.35 1.72
CA LEU C 155 18.14 12.06 2.48
C LEU C 155 17.17 11.10 3.15
N VAL C 156 17.09 11.18 4.47
CA VAL C 156 16.23 10.32 5.21
C VAL C 156 15.15 11.14 5.90
N ILE C 157 13.88 10.91 5.53
CA ILE C 157 12.83 11.68 6.17
C ILE C 157 12.07 10.89 7.19
N THR C 158 11.93 11.49 8.36
CA THR C 158 11.22 10.86 9.46
C THR C 158 9.75 11.13 9.32
N ALA C 159 9.02 10.13 8.81
CA ALA C 159 7.57 10.26 8.67
C ALA C 159 6.88 9.74 9.95
N SER C 160 5.97 8.77 9.80
CA SER C 160 5.21 8.20 10.89
C SER C 160 4.20 7.14 10.41
N MET C 161 3.79 6.22 11.26
CA MET C 161 2.78 5.27 10.80
C MET C 161 1.49 6.08 10.56
N SER C 162 1.36 7.23 11.23
CA SER C 162 0.20 8.10 11.04
C SER C 162 0.00 8.48 9.59
N GLY C 163 1.02 8.21 8.78
CA GLY C 163 0.91 8.54 7.37
C GLY C 163 0.35 7.33 6.64
N HIS C 164 0.25 6.23 7.38
CA HIS C 164 -0.24 4.97 6.83
C HIS C 164 -1.68 4.67 7.30
N ILE C 165 -1.95 5.09 8.54
CA ILE C 165 -3.23 4.88 9.19
C ILE C 165 -3.65 6.08 10.01
N ALA C 166 -4.86 6.02 10.54
CA ALA C 166 -5.40 7.09 11.35
C ALA C 166 -5.38 6.61 12.79
N ASN C 167 -4.62 7.30 13.63
CA ASN C 167 -4.52 6.94 15.03
C ASN C 167 -5.91 6.94 15.70
N PHE C 168 -6.07 6.06 16.69
CA PHE C 168 -7.32 5.90 17.43
C PHE C 168 -6.98 5.82 18.92
N PRO C 169 -7.78 6.47 19.79
CA PRO C 169 -8.97 7.29 19.55
C PRO C 169 -8.77 8.80 19.38
N GLN C 170 -7.54 9.27 19.48
CA GLN C 170 -7.24 10.70 19.32
C GLN C 170 -7.47 11.03 17.86
N GLU C 171 -7.90 12.26 17.58
CA GLU C 171 -8.15 12.70 16.22
C GLU C 171 -7.05 13.70 15.82
N GLN C 172 -6.31 13.37 14.77
CA GLN C 172 -5.21 14.23 14.32
C GLN C 172 -5.02 14.13 12.81
N THR C 173 -6.09 14.31 12.06
CA THR C 173 -6.01 14.20 10.60
C THR C 173 -4.93 15.07 9.94
N SER C 174 -4.76 16.32 10.41
CA SER C 174 -3.71 17.17 9.80
C SER C 174 -2.35 16.50 9.86
N TYR C 175 -2.03 15.97 11.03
CA TYR C 175 -0.77 15.29 11.27
C TYR C 175 -0.67 14.07 10.37
N ASN C 176 -1.69 13.20 10.45
CA ASN C 176 -1.73 12.01 9.61
C ASN C 176 -1.50 12.40 8.13
N VAL C 177 -2.26 13.37 7.64
CA VAL C 177 -2.13 13.84 6.25
C VAL C 177 -0.70 14.35 5.93
N ALA C 178 -0.17 15.22 6.77
CA ALA C 178 1.16 15.75 6.51
C ALA C 178 2.09 14.55 6.42
N LYS C 179 1.95 13.59 7.33
CA LYS C 179 2.83 12.43 7.35
C LYS C 179 2.75 11.60 6.09
N ALA C 180 1.54 11.46 5.55
CA ALA C 180 1.35 10.73 4.28
C ALA C 180 2.08 11.50 3.18
N GLY C 181 1.90 12.82 3.16
CA GLY C 181 2.60 13.60 2.17
C GLY C 181 4.10 13.33 2.22
N CYS C 182 4.66 13.20 3.42
CA CYS C 182 6.07 12.94 3.60
C CYS C 182 6.52 11.55 3.12
N ILE C 183 5.68 10.53 3.28
CA ILE C 183 6.08 9.21 2.80
C ILE C 183 6.18 9.26 1.30
N HIS C 184 5.17 9.85 0.66
CA HIS C 184 5.21 9.94 -0.78
C HIS C 184 6.24 10.95 -1.30
N MET C 185 6.61 11.92 -0.48
CA MET C 185 7.61 12.89 -0.92
C MET C 185 8.94 12.19 -1.13
N ALA C 186 9.28 11.26 -0.25
CA ALA C 186 10.54 10.53 -0.39
C ALA C 186 10.49 9.59 -1.61
N ARG C 187 9.32 9.10 -1.98
CA ARG C 187 9.22 8.24 -3.16
C ARG C 187 9.46 9.09 -4.39
N SER C 188 8.67 10.15 -4.49
CA SER C 188 8.77 11.05 -5.62
C SER C 188 10.16 11.64 -5.78
N LEU C 189 10.80 12.02 -4.67
CA LEU C 189 12.15 12.60 -4.72
C LEU C 189 13.24 11.57 -5.05
N ALA C 190 13.00 10.31 -4.69
CA ALA C 190 13.96 9.24 -5.02
C ALA C 190 14.09 9.17 -6.54
N ASN C 191 12.97 9.39 -7.22
CA ASN C 191 12.91 9.39 -8.68
C ASN C 191 13.42 10.72 -9.25
N GLU C 192 13.16 11.84 -8.56
CA GLU C 192 13.62 13.17 -9.04
C GLU C 192 15.15 13.29 -8.95
N TRP C 193 15.69 12.79 -7.84
CA TRP C 193 17.12 12.86 -7.56
C TRP C 193 17.84 11.61 -7.98
N ARG C 194 17.27 10.87 -8.93
CA ARG C 194 17.84 9.59 -9.35
C ARG C 194 19.26 9.57 -9.90
N ASP C 195 19.74 10.70 -10.38
CA ASP C 195 21.11 10.76 -10.92
C ASP C 195 22.16 11.19 -9.88
N PHE C 196 21.72 11.50 -8.64
CA PHE C 196 22.70 11.91 -7.63
C PHE C 196 22.50 11.56 -6.14
N ALA C 197 21.27 11.32 -5.68
CA ALA C 197 21.03 11.02 -4.28
C ALA C 197 19.89 10.05 -4.02
N ARG C 198 19.92 9.41 -2.86
CA ARG C 198 18.86 8.48 -2.52
C ARG C 198 17.93 9.17 -1.52
N VAL C 199 16.66 8.77 -1.53
CA VAL C 199 15.68 9.31 -0.60
C VAL C 199 14.76 8.19 -0.06
N ASN C 200 14.76 8.04 1.27
CA ASN C 200 14.00 7.02 1.93
C ASN C 200 13.29 7.61 3.12
N SER C 201 12.33 6.89 3.67
CA SER C 201 11.63 7.42 4.81
C SER C 201 11.35 6.38 5.91
N ILE C 202 11.29 6.88 7.13
CA ILE C 202 11.00 6.07 8.31
C ILE C 202 9.64 6.45 8.90
N SER C 203 8.84 5.42 9.16
CA SER C 203 7.51 5.59 9.69
C SER C 203 7.41 4.95 11.05
N PRO C 204 7.89 5.65 12.09
CA PRO C 204 7.82 5.08 13.45
C PRO C 204 6.44 5.12 14.08
N GLY C 205 6.17 4.16 14.94
CA GLY C 205 4.89 4.10 15.60
C GLY C 205 4.93 4.88 16.90
N TYR C 206 4.39 4.31 17.96
CA TYR C 206 4.38 5.00 19.25
C TYR C 206 5.75 4.94 19.91
N ILE C 207 6.49 6.04 19.90
CA ILE C 207 7.80 6.03 20.51
C ILE C 207 7.92 6.89 21.79
N ASP C 208 8.24 6.24 22.90
CA ASP C 208 8.38 6.92 24.17
C ASP C 208 9.55 7.90 24.19
N THR C 209 9.33 9.09 23.63
CA THR C 209 10.37 10.13 23.58
C THR C 209 10.48 10.92 24.90
N GLY C 210 9.53 10.72 25.79
CA GLY C 210 9.56 11.40 27.08
C GLY C 210 8.36 12.27 27.43
N LEU C 211 7.18 11.92 26.94
CA LEU C 211 5.99 12.70 27.22
C LEU C 211 4.77 11.82 27.44
N SER C 212 5.00 10.63 28.00
CA SER C 212 3.92 9.68 28.25
C SER C 212 3.13 10.06 29.49
N ASP C 213 3.74 10.92 30.29
CA ASP C 213 3.13 11.38 31.54
C ASP C 213 1.90 12.22 31.24
N PHE C 214 1.94 12.93 30.11
CA PHE C 214 0.80 13.77 29.72
C PHE C 214 -0.37 12.95 29.22
N VAL C 215 -0.09 11.89 28.48
CA VAL C 215 -1.14 11.03 27.96
C VAL C 215 -1.75 10.17 29.08
N PRO C 216 -3.09 10.22 29.23
CA PRO C 216 -3.77 9.44 30.26
C PRO C 216 -3.41 7.95 30.20
N LYS C 217 -3.31 7.31 31.36
CA LYS C 217 -2.96 5.90 31.42
C LYS C 217 -3.98 5.07 30.64
N GLU C 218 -5.25 5.43 30.78
CA GLU C 218 -6.30 4.71 30.09
C GLU C 218 -6.02 4.69 28.59
N THR C 219 -5.67 5.85 28.04
CA THR C 219 -5.37 5.95 26.62
C THR C 219 -4.10 5.17 26.24
N GLN C 220 -3.13 5.15 27.14
CA GLN C 220 -1.89 4.43 26.88
C GLN C 220 -2.07 2.93 26.92
N GLN C 221 -3.05 2.47 27.70
CA GLN C 221 -3.33 1.04 27.79
C GLN C 221 -4.11 0.62 26.54
N LEU C 222 -4.84 1.56 25.95
CA LEU C 222 -5.62 1.27 24.74
C LEU C 222 -4.68 1.11 23.53
N TRP C 223 -3.66 1.96 23.46
CA TRP C 223 -2.69 1.91 22.38
C TRP C 223 -1.94 0.60 22.48
N HIS C 224 -1.43 0.33 23.67
CA HIS C 224 -0.69 -0.89 23.96
C HIS C 224 -1.42 -2.19 23.56
N SER C 225 -2.75 -2.20 23.63
CA SER C 225 -3.51 -3.40 23.27
C SER C 225 -3.67 -3.52 21.74
N MET C 226 -3.34 -2.44 21.05
CA MET C 226 -3.43 -2.38 19.59
C MET C 226 -2.07 -2.53 18.92
N ILE C 227 -1.04 -2.72 19.74
CA ILE C 227 0.32 -2.93 19.26
C ILE C 227 0.63 -4.38 19.57
N PRO C 228 0.91 -5.20 18.54
CA PRO C 228 1.21 -6.59 18.90
C PRO C 228 2.38 -6.76 19.88
N MET C 229 3.33 -5.83 19.86
CA MET C 229 4.44 -5.91 20.79
C MET C 229 3.94 -5.47 22.18
N GLY C 230 2.76 -4.85 22.19
CA GLY C 230 2.14 -4.44 23.45
C GLY C 230 2.88 -3.45 24.34
N ARG C 231 3.69 -2.60 23.73
CA ARG C 231 4.45 -1.60 24.45
C ARG C 231 4.84 -0.49 23.48
N ASP C 232 5.32 0.61 24.05
CA ASP C 232 5.78 1.73 23.23
C ASP C 232 7.16 1.31 22.74
N GLY C 233 7.65 1.98 21.72
CA GLY C 233 8.98 1.69 21.24
C GLY C 233 9.87 2.71 21.93
N LEU C 234 11.19 2.56 21.79
CA LEU C 234 12.13 3.50 22.40
C LEU C 234 13.06 4.05 21.31
N ALA C 235 13.39 5.33 21.39
CA ALA C 235 14.24 5.94 20.38
C ALA C 235 15.54 5.19 20.08
N LYS C 236 16.01 4.34 20.99
CA LYS C 236 17.25 3.60 20.72
C LYS C 236 16.93 2.54 19.66
N GLU C 237 15.64 2.27 19.46
CA GLU C 237 15.24 1.30 18.49
C GLU C 237 15.17 1.90 17.10
N LEU C 238 15.37 3.23 17.02
CA LEU C 238 15.33 3.95 15.76
C LEU C 238 16.72 4.17 15.13
N LYS C 239 17.75 4.32 15.97
CA LYS C 239 19.10 4.57 15.45
C LYS C 239 19.59 3.50 14.47
N GLY C 240 19.11 2.27 14.59
CA GLY C 240 19.53 1.23 13.67
C GLY C 240 19.11 1.57 12.26
N ALA C 241 17.84 1.94 12.11
CA ALA C 241 17.24 2.32 10.82
C ALA C 241 17.85 3.60 10.24
N TYR C 242 18.14 4.56 11.13
CA TYR C 242 18.72 5.83 10.71
C TYR C 242 20.08 5.70 10.02
N VAL C 243 21.00 4.99 10.64
CA VAL C 243 22.33 4.81 10.06
C VAL C 243 22.20 3.91 8.81
N TYR C 244 21.17 3.07 8.82
CA TYR C 244 20.96 2.18 7.68
C TYR C 244 20.82 3.00 6.38
N PHE C 245 19.82 3.88 6.34
CA PHE C 245 19.56 4.73 5.17
C PHE C 245 20.64 5.77 4.89
N ALA C 246 21.30 6.28 5.93
CA ALA C 246 22.32 7.33 5.72
C ALA C 246 23.69 6.80 5.28
N SER C 247 23.96 5.53 5.56
CA SER C 247 25.24 4.93 5.23
C SER C 247 25.20 4.09 3.96
N ASP C 248 26.38 3.65 3.51
CA ASP C 248 26.52 2.85 2.32
C ASP C 248 25.94 1.47 2.48
N ALA C 249 25.29 1.22 3.61
CA ALA C 249 24.71 -0.09 3.85
C ALA C 249 23.45 -0.27 3.01
N SER C 250 23.03 0.81 2.32
CA SER C 250 21.82 0.85 1.50
C SER C 250 21.96 1.57 0.16
N THR C 251 23.07 1.35 -0.53
CA THR C 251 23.29 2.03 -1.81
C THR C 251 22.31 1.68 -2.94
N TYR C 252 21.44 0.70 -2.71
CA TYR C 252 20.42 0.33 -3.71
C TYR C 252 19.03 0.57 -3.14
N THR C 253 18.95 1.21 -1.97
CA THR C 253 17.64 1.47 -1.38
C THR C 253 17.25 2.94 -1.51
N THR C 254 16.22 3.19 -2.28
CA THR C 254 15.76 4.55 -2.48
C THR C 254 14.27 4.50 -2.85
N GLY C 255 13.52 5.41 -2.25
CA GLY C 255 12.11 5.47 -2.49
C GLY C 255 11.34 4.47 -1.63
N ALA C 256 11.88 4.07 -0.49
CA ALA C 256 11.14 3.11 0.29
C ALA C 256 10.84 3.64 1.68
N ASP C 257 9.88 3.02 2.36
CA ASP C 257 9.52 3.43 3.70
C ASP C 257 9.67 2.25 4.65
N LEU C 258 10.25 2.50 5.81
CA LEU C 258 10.47 1.44 6.80
C LEU C 258 9.66 1.66 8.07
N LEU C 259 8.64 0.82 8.26
CA LEU C 259 7.75 0.86 9.43
C LEU C 259 8.42 0.32 10.68
N ILE C 260 8.39 1.10 11.76
CA ILE C 260 8.99 0.73 13.06
C ILE C 260 7.87 1.04 14.03
N ASP C 261 6.88 0.17 14.07
CA ASP C 261 5.69 0.40 14.85
C ASP C 261 5.25 -0.70 15.81
N GLY C 262 6.08 -1.72 15.99
CA GLY C 262 5.73 -2.81 16.87
C GLY C 262 4.59 -3.63 16.29
N GLY C 263 4.47 -3.62 14.96
CA GLY C 263 3.42 -4.36 14.30
C GLY C 263 2.06 -3.69 14.39
N TYR C 264 2.01 -2.41 14.73
CA TYR C 264 0.72 -1.72 14.85
C TYR C 264 -0.10 -1.80 13.55
N THR C 265 0.50 -1.39 12.45
CA THR C 265 -0.19 -1.40 11.16
C THR C 265 -0.50 -2.82 10.65
N THR C 266 0.07 -3.82 11.30
CA THR C 266 -0.14 -5.21 10.94
C THR C 266 -1.61 -5.65 11.10
N ARG C 267 -2.30 -4.99 12.05
CA ARG C 267 -3.71 -5.27 12.33
C ARG C 267 -4.66 -4.38 11.54
N MET D 1 6.30 -10.34 30.61
CA MET D 1 6.88 -10.33 29.25
C MET D 1 5.87 -9.82 28.21
N PRO D 2 5.49 -8.53 28.31
CA PRO D 2 4.53 -7.91 27.39
C PRO D 2 4.97 -8.04 25.93
N GLY D 3 4.54 -9.10 25.25
CA GLY D 3 4.92 -9.27 23.86
C GLY D 3 6.44 -9.37 23.68
N GLN D 4 7.02 -8.38 23.02
CA GLN D 4 8.47 -8.37 22.81
C GLN D 4 9.14 -7.16 23.45
N GLN D 5 10.27 -7.41 24.10
CA GLN D 5 10.98 -6.35 24.80
C GLN D 5 12.06 -5.71 23.93
N ALA D 6 12.28 -4.42 24.14
CA ALA D 6 13.28 -3.67 23.38
C ALA D 6 14.71 -4.10 23.69
N THR D 7 15.60 -3.83 22.75
CA THR D 7 17.01 -4.18 22.95
C THR D 7 17.52 -3.50 24.21
N LYS D 8 18.35 -4.20 24.96
CA LYS D 8 18.92 -3.66 26.19
C LYS D 8 20.16 -2.81 25.90
N HIS D 9 20.66 -2.90 24.68
CA HIS D 9 21.84 -2.15 24.28
C HIS D 9 21.51 -0.79 23.69
N GLU D 10 22.31 0.20 24.07
CA GLU D 10 22.18 1.56 23.59
C GLU D 10 23.12 1.74 22.41
N SER D 11 24.20 0.96 22.41
CA SER D 11 25.19 1.03 21.33
C SER D 11 24.70 0.32 20.09
N LEU D 12 24.72 1.03 18.97
CA LEU D 12 24.29 0.45 17.72
C LEU D 12 25.17 -0.77 17.45
N LEU D 13 26.48 -0.58 17.51
CA LEU D 13 27.38 -1.70 17.27
C LEU D 13 26.96 -2.90 18.12
N ASP D 14 26.78 -2.71 19.42
CA ASP D 14 26.36 -3.80 20.30
C ASP D 14 25.01 -4.40 19.86
N GLN D 15 24.15 -3.58 19.25
CA GLN D 15 22.85 -4.08 18.77
C GLN D 15 23.03 -4.90 17.49
N LEU D 16 23.97 -4.49 16.65
CA LEU D 16 24.24 -5.16 15.37
C LEU D 16 24.99 -6.48 15.54
N SER D 17 25.77 -6.59 16.62
CA SER D 17 26.54 -7.81 16.89
C SER D 17 25.66 -9.05 17.02
N LEU D 18 26.15 -10.16 16.48
CA LEU D 18 25.43 -11.42 16.53
C LEU D 18 26.28 -12.49 17.22
N LYS D 19 27.15 -12.04 18.12
CA LYS D 19 27.99 -12.96 18.87
C LYS D 19 27.12 -13.68 19.90
N GLY D 20 27.31 -14.99 20.00
CA GLY D 20 26.52 -15.76 20.94
C GLY D 20 25.20 -16.15 20.30
N LYS D 21 25.06 -15.82 19.01
CA LYS D 21 23.84 -16.13 18.28
C LYS D 21 24.07 -17.03 17.07
N VAL D 22 22.99 -17.65 16.58
CA VAL D 22 23.09 -18.51 15.43
C VAL D 22 22.04 -18.09 14.42
N VAL D 23 22.42 -18.06 13.15
CA VAL D 23 21.50 -17.66 12.10
C VAL D 23 21.60 -18.65 10.95
N VAL D 24 20.46 -18.94 10.32
CA VAL D 24 20.47 -19.85 9.18
C VAL D 24 19.92 -19.16 7.94
N VAL D 25 20.58 -19.39 6.81
CA VAL D 25 20.20 -18.82 5.53
C VAL D 25 19.86 -19.98 4.61
N THR D 26 18.65 -19.97 4.03
CA THR D 26 18.21 -21.06 3.17
C THR D 26 19.02 -21.35 1.91
N GLY D 27 19.20 -20.41 1.01
CA GLY D 27 19.95 -20.79 -0.19
C GLY D 27 21.24 -20.04 -0.46
N ALA D 28 22.29 -20.35 0.30
CA ALA D 28 23.58 -19.68 0.14
C ALA D 28 24.62 -20.63 -0.44
N SER D 29 24.36 -21.10 -1.65
CA SER D 29 25.24 -22.05 -2.32
C SER D 29 26.01 -21.42 -3.46
N GLY D 30 25.74 -20.16 -3.76
CA GLY D 30 26.43 -19.49 -4.84
C GLY D 30 27.51 -18.54 -4.33
N PRO D 31 28.26 -17.92 -5.25
CA PRO D 31 29.33 -16.96 -4.95
C PRO D 31 28.87 -15.52 -4.70
N LYS D 32 27.80 -15.12 -5.36
CA LYS D 32 27.29 -13.76 -5.23
C LYS D 32 25.77 -13.70 -5.16
N GLY D 33 25.17 -14.66 -4.46
CA GLY D 33 23.73 -14.69 -4.35
C GLY D 33 23.22 -13.89 -3.18
N MET D 34 21.90 -13.72 -3.12
CA MET D 34 21.31 -13.00 -2.01
C MET D 34 21.63 -13.69 -0.67
N GLY D 35 21.40 -15.00 -0.60
CA GLY D 35 21.64 -15.72 0.64
C GLY D 35 23.06 -15.78 1.18
N ILE D 36 24.07 -15.95 0.32
CA ILE D 36 25.44 -16.04 0.80
C ILE D 36 25.87 -14.69 1.30
N GLU D 37 25.32 -13.66 0.69
CA GLU D 37 25.66 -12.33 1.13
C GLU D 37 24.97 -12.06 2.46
N ALA D 38 23.82 -12.69 2.70
CA ALA D 38 23.13 -12.49 3.97
C ALA D 38 23.95 -13.22 5.03
N ALA D 39 24.46 -14.38 4.63
CA ALA D 39 25.27 -15.22 5.50
C ALA D 39 26.61 -14.56 5.83
N ARG D 40 27.18 -13.80 4.90
CA ARG D 40 28.43 -13.13 5.21
C ARG D 40 28.17 -12.04 6.24
N GLY D 41 27.31 -11.09 5.87
CA GLY D 41 26.97 -10.00 6.76
C GLY D 41 26.76 -10.44 8.20
N CYS D 42 26.00 -11.52 8.39
CA CYS D 42 25.74 -12.01 9.73
C CYS D 42 27.04 -12.51 10.34
N ALA D 43 27.78 -13.32 9.58
CA ALA D 43 29.06 -13.84 10.06
C ALA D 43 29.87 -12.67 10.61
N GLU D 44 30.08 -11.69 9.74
CA GLU D 44 30.85 -10.50 10.09
C GLU D 44 30.41 -9.94 11.43
N MET D 45 29.12 -10.06 11.76
CA MET D 45 28.64 -9.55 13.05
C MET D 45 28.96 -10.50 14.19
N GLY D 46 29.59 -11.63 13.87
CA GLY D 46 29.98 -12.60 14.88
C GLY D 46 28.98 -13.71 15.11
N ALA D 47 28.20 -14.02 14.08
CA ALA D 47 27.21 -15.06 14.20
C ALA D 47 27.72 -16.40 13.69
N ALA D 48 27.11 -17.47 14.20
CA ALA D 48 27.46 -18.81 13.74
C ALA D 48 26.41 -19.03 12.65
N VAL D 49 26.85 -19.10 11.40
CA VAL D 49 25.90 -19.27 10.31
C VAL D 49 25.72 -20.72 9.89
N ALA D 50 24.51 -21.02 9.41
CA ALA D 50 24.15 -22.34 8.92
C ALA D 50 23.43 -22.11 7.62
N ILE D 51 24.13 -22.33 6.51
CA ILE D 51 23.55 -22.15 5.19
C ILE D 51 23.01 -23.48 4.69
N THR D 52 22.06 -23.42 3.75
CA THR D 52 21.49 -24.63 3.16
C THR D 52 21.64 -24.62 1.64
N TYR D 53 21.43 -25.77 1.02
CA TYR D 53 21.53 -25.89 -0.42
C TYR D 53 20.49 -26.92 -0.82
N ALA D 54 19.90 -26.75 -2.00
CA ALA D 54 18.90 -27.67 -2.49
C ALA D 54 19.60 -28.92 -2.98
N SER D 55 20.73 -28.72 -3.65
CA SER D 55 21.55 -29.82 -4.18
C SER D 55 23.02 -29.42 -4.25
N ARG D 56 23.29 -28.12 -4.40
CA ARG D 56 24.66 -27.62 -4.51
C ARG D 56 25.47 -27.77 -3.23
N ALA D 57 25.73 -29.03 -2.85
CA ALA D 57 26.49 -29.29 -1.64
C ALA D 57 27.90 -28.70 -1.77
N GLN D 58 28.54 -28.93 -2.92
CA GLN D 58 29.88 -28.43 -3.18
C GLN D 58 29.94 -26.90 -3.12
N GLY D 59 28.87 -26.26 -3.60
CA GLY D 59 28.80 -24.80 -3.61
C GLY D 59 28.62 -24.27 -2.20
N ALA D 60 27.88 -25.03 -1.40
CA ALA D 60 27.62 -24.65 0.00
C ALA D 60 28.86 -24.90 0.85
N GLU D 61 29.75 -25.73 0.32
CA GLU D 61 30.98 -26.08 0.98
C GLU D 61 32.07 -25.05 0.80
N GLU D 62 32.08 -24.42 -0.36
CA GLU D 62 33.10 -23.42 -0.62
C GLU D 62 32.77 -22.21 0.25
N ASN D 63 31.48 -21.97 0.42
CA ASN D 63 31.02 -20.86 1.24
C ASN D 63 31.34 -21.07 2.72
N VAL D 64 31.04 -22.25 3.23
CA VAL D 64 31.33 -22.55 4.62
C VAL D 64 32.83 -22.35 4.84
N LYS D 65 33.63 -22.80 3.88
CA LYS D 65 35.08 -22.70 3.97
C LYS D 65 35.43 -21.24 4.14
N GLU D 66 34.94 -20.41 3.24
CA GLU D 66 35.20 -18.98 3.27
C GLU D 66 34.65 -18.34 4.55
N LEU D 67 33.37 -18.60 4.86
CA LEU D 67 32.78 -18.00 6.05
C LEU D 67 33.61 -18.30 7.31
N GLU D 68 34.29 -19.44 7.33
CA GLU D 68 35.11 -19.78 8.48
C GLU D 68 36.49 -19.15 8.39
N LYS D 69 36.97 -18.89 7.17
CA LYS D 69 38.29 -18.29 7.04
C LYS D 69 38.30 -16.83 7.49
N THR D 70 37.61 -15.98 6.74
CA THR D 70 37.58 -14.55 7.02
C THR D 70 36.95 -14.11 8.35
N TYR D 71 35.89 -14.78 8.78
CA TYR D 71 35.21 -14.39 10.01
C TYR D 71 35.53 -15.27 11.20
N GLY D 72 36.29 -16.33 10.94
CA GLY D 72 36.66 -17.24 12.00
C GLY D 72 35.50 -17.61 12.90
N ILE D 73 34.35 -17.85 12.29
CA ILE D 73 33.15 -18.21 13.03
C ILE D 73 32.71 -19.62 12.67
N LYS D 74 31.88 -20.21 13.52
CA LYS D 74 31.39 -21.57 13.30
C LYS D 74 30.29 -21.58 12.21
N ALA D 75 30.51 -22.38 11.17
CA ALA D 75 29.56 -22.49 10.05
C ALA D 75 29.48 -23.92 9.53
N LYS D 76 28.25 -24.36 9.23
CA LYS D 76 27.98 -25.69 8.72
C LYS D 76 26.87 -25.67 7.67
N ALA D 77 27.04 -26.42 6.60
CA ALA D 77 26.05 -26.46 5.53
C ALA D 77 25.07 -27.63 5.70
N TYR D 78 23.84 -27.43 5.23
CA TYR D 78 22.81 -28.46 5.31
C TYR D 78 22.00 -28.49 4.01
N LYS D 79 21.43 -29.66 3.70
CA LYS D 79 20.62 -29.85 2.50
C LYS D 79 19.14 -29.68 2.87
N CYS D 80 18.45 -28.86 2.08
CA CYS D 80 17.03 -28.58 2.32
C CYS D 80 16.33 -28.17 1.04
N GLN D 81 15.22 -28.83 0.72
CA GLN D 81 14.42 -28.50 -0.45
C GLN D 81 13.19 -27.90 0.19
N VAL D 82 13.06 -26.58 0.14
CA VAL D 82 11.96 -25.91 0.79
C VAL D 82 10.55 -26.41 0.47
N ASP D 83 10.28 -26.93 -0.73
CA ASP D 83 8.92 -27.39 -1.00
C ASP D 83 8.52 -28.62 -0.19
N SER D 84 9.46 -29.11 0.63
CA SER D 84 9.21 -30.28 1.50
C SER D 84 9.15 -29.80 2.94
N TYR D 85 8.03 -30.02 3.62
CA TYR D 85 7.98 -29.58 5.00
C TYR D 85 8.89 -30.44 5.85
N GLU D 86 8.92 -31.74 5.54
CA GLU D 86 9.80 -32.66 6.25
C GLU D 86 11.25 -32.17 6.22
N SER D 87 11.68 -31.66 5.07
CA SER D 87 13.03 -31.17 4.91
C SER D 87 13.30 -29.89 5.71
N CYS D 88 12.26 -29.16 6.07
CA CYS D 88 12.50 -27.96 6.83
C CYS D 88 12.45 -28.31 8.30
N GLU D 89 11.61 -29.29 8.64
CA GLU D 89 11.49 -29.73 10.02
C GLU D 89 12.86 -30.32 10.43
N LYS D 90 13.43 -31.18 9.58
CA LYS D 90 14.72 -31.78 9.90
C LYS D 90 15.86 -30.74 9.78
N LEU D 91 15.61 -29.63 9.12
CA LEU D 91 16.62 -28.58 8.99
C LEU D 91 16.81 -28.00 10.39
N VAL D 92 15.72 -27.50 10.96
CA VAL D 92 15.71 -26.89 12.28
C VAL D 92 16.25 -27.85 13.32
N LYS D 93 15.62 -29.03 13.41
CA LYS D 93 16.04 -30.06 14.36
C LYS D 93 17.55 -30.18 14.32
N ASP D 94 18.11 -30.46 13.15
CA ASP D 94 19.55 -30.61 13.00
C ASP D 94 20.33 -29.41 13.52
N VAL D 95 20.08 -28.23 12.93
CA VAL D 95 20.77 -27.00 13.36
C VAL D 95 20.70 -26.85 14.88
N VAL D 96 19.50 -27.02 15.45
CA VAL D 96 19.35 -26.88 16.88
C VAL D 96 20.31 -27.79 17.64
N ALA D 97 20.60 -28.95 17.05
CA ALA D 97 21.50 -29.92 17.66
C ALA D 97 22.97 -29.48 17.55
N ASP D 98 23.41 -29.21 16.34
CA ASP D 98 24.79 -28.79 16.11
C ASP D 98 25.15 -27.41 16.68
N PHE D 99 24.18 -26.49 16.74
CA PHE D 99 24.43 -25.13 17.26
C PHE D 99 23.70 -24.86 18.56
N GLY D 100 22.90 -25.84 19.00
CA GLY D 100 22.16 -25.68 20.25
C GLY D 100 20.92 -24.80 20.15
N GLN D 101 20.94 -23.83 19.22
CA GLN D 101 19.81 -22.91 19.08
C GLN D 101 19.83 -22.17 17.73
N ILE D 102 18.71 -21.50 17.43
CA ILE D 102 18.58 -20.67 16.22
C ILE D 102 17.98 -19.34 16.70
N ASP D 103 18.65 -18.24 16.41
CA ASP D 103 18.16 -16.94 16.85
C ASP D 103 17.47 -16.16 15.73
N ALA D 104 17.96 -16.35 14.51
CA ALA D 104 17.38 -15.68 13.36
C ALA D 104 17.33 -16.64 12.19
N PHE D 105 16.22 -16.58 11.45
CA PHE D 105 16.06 -17.43 10.30
C PHE D 105 15.82 -16.56 9.10
N ILE D 106 16.54 -16.84 8.02
CA ILE D 106 16.40 -16.07 6.80
C ILE D 106 16.04 -17.04 5.68
N ALA D 107 14.77 -16.99 5.27
CA ALA D 107 14.27 -17.86 4.21
C ALA D 107 14.35 -17.16 2.88
N ASN D 108 14.65 -17.91 1.82
CA ASN D 108 14.72 -17.32 0.50
C ASN D 108 14.26 -18.27 -0.61
N ALA D 109 12.99 -18.58 -0.65
CA ALA D 109 12.46 -19.47 -1.67
C ALA D 109 12.20 -18.65 -2.94
N GLY D 110 13.02 -18.85 -3.96
CA GLY D 110 12.84 -18.09 -5.18
C GLY D 110 12.79 -18.79 -6.54
N ALA D 111 12.05 -19.88 -6.68
CA ALA D 111 11.96 -20.52 -8.00
C ALA D 111 11.26 -19.51 -8.96
N THR D 112 11.56 -19.56 -10.25
CA THR D 112 10.95 -18.62 -11.20
C THR D 112 9.83 -19.26 -12.02
N ALA D 113 9.11 -18.45 -12.79
CA ALA D 113 7.99 -18.92 -13.60
C ALA D 113 8.20 -19.08 -15.12
N ASP D 114 8.66 -18.05 -15.80
CA ASP D 114 8.91 -18.08 -17.26
C ASP D 114 7.68 -17.97 -18.18
N SER D 115 6.49 -17.91 -17.60
CA SER D 115 5.31 -17.66 -18.43
C SER D 115 4.15 -17.19 -17.61
N GLY D 116 3.12 -16.75 -18.32
CA GLY D 116 1.92 -16.25 -17.70
C GLY D 116 0.95 -17.38 -17.41
N ILE D 117 -0.20 -17.00 -16.90
CA ILE D 117 -1.25 -17.91 -16.50
C ILE D 117 -1.96 -18.67 -17.62
N LEU D 118 -2.08 -18.07 -18.80
CA LEU D 118 -2.76 -18.72 -19.92
C LEU D 118 -1.87 -19.71 -20.66
N ASP D 119 -0.66 -19.30 -20.97
CA ASP D 119 0.29 -20.18 -21.64
C ASP D 119 0.82 -21.22 -20.66
N GLY D 120 0.79 -20.90 -19.37
CA GLY D 120 1.30 -21.82 -18.37
C GLY D 120 0.36 -22.97 -18.06
N SER D 121 0.90 -24.06 -17.52
CA SER D 121 0.05 -25.19 -17.17
C SER D 121 -0.34 -25.07 -15.71
N VAL D 122 -1.31 -25.87 -15.30
CA VAL D 122 -1.75 -25.82 -13.93
C VAL D 122 -0.59 -26.22 -13.02
N GLU D 123 0.14 -27.27 -13.41
CA GLU D 123 1.30 -27.75 -12.65
C GLU D 123 2.36 -26.68 -12.49
N ALA D 124 2.56 -25.86 -13.50
CA ALA D 124 3.55 -24.78 -13.46
C ALA D 124 3.14 -23.79 -12.39
N TRP D 125 1.84 -23.46 -12.31
CA TRP D 125 1.38 -22.54 -11.29
C TRP D 125 1.65 -23.22 -9.95
N ASN D 126 1.13 -24.44 -9.78
CA ASN D 126 1.32 -25.18 -8.56
C ASN D 126 2.78 -25.21 -8.09
N HIS D 127 3.72 -25.53 -8.98
CA HIS D 127 5.13 -25.61 -8.60
C HIS D 127 5.71 -24.34 -7.99
N VAL D 128 5.47 -23.21 -8.62
CA VAL D 128 5.99 -21.93 -8.13
C VAL D 128 5.44 -21.52 -6.77
N VAL D 129 4.14 -21.69 -6.56
CA VAL D 129 3.47 -21.36 -5.29
C VAL D 129 3.93 -22.30 -4.19
N GLN D 130 3.98 -23.60 -4.51
CA GLN D 130 4.39 -24.62 -3.53
C GLN D 130 5.80 -24.38 -2.99
N VAL D 131 6.74 -23.97 -3.85
CA VAL D 131 8.09 -23.69 -3.43
C VAL D 131 8.23 -22.26 -2.87
N ASP D 132 7.71 -21.29 -3.61
CA ASP D 132 7.87 -19.89 -3.18
C ASP D 132 7.00 -19.46 -1.99
N LEU D 133 5.75 -19.89 -1.96
CA LEU D 133 4.84 -19.54 -0.88
C LEU D 133 4.79 -20.65 0.17
N ASN D 134 4.44 -21.87 -0.23
CA ASN D 134 4.40 -22.94 0.75
C ASN D 134 5.81 -23.21 1.27
N GLY D 135 6.80 -23.03 0.39
CA GLY D 135 8.19 -23.24 0.79
C GLY D 135 8.53 -22.33 1.96
N THR D 136 8.16 -21.06 1.82
CA THR D 136 8.42 -20.08 2.86
C THR D 136 7.64 -20.41 4.14
N PHE D 137 6.43 -20.91 3.98
CA PHE D 137 5.60 -21.27 5.12
C PHE D 137 6.28 -22.39 5.90
N HIS D 138 6.82 -23.37 5.17
CA HIS D 138 7.50 -24.49 5.80
C HIS D 138 8.61 -23.98 6.74
N CYS D 139 9.48 -23.10 6.21
CA CYS D 139 10.56 -22.53 7.01
C CYS D 139 10.02 -21.85 8.27
N ALA D 140 9.01 -21.00 8.08
CA ALA D 140 8.39 -20.24 9.17
C ALA D 140 7.80 -21.15 10.26
N LYS D 141 7.08 -22.17 9.81
CA LYS D 141 6.45 -23.12 10.71
C LYS D 141 7.48 -24.02 11.39
N ALA D 142 8.43 -24.54 10.62
CA ALA D 142 9.44 -25.42 11.18
C ALA D 142 10.29 -24.73 12.23
N VAL D 143 10.64 -23.46 12.00
CA VAL D 143 11.45 -22.71 12.95
C VAL D 143 10.56 -21.99 13.94
N GLY D 144 9.33 -21.72 13.53
CA GLY D 144 8.41 -21.03 14.41
C GLY D 144 8.32 -21.68 15.77
N HIS D 145 8.02 -22.98 15.77
CA HIS D 145 7.87 -23.77 16.98
C HIS D 145 9.01 -23.55 17.93
N HIS D 146 10.22 -23.55 17.38
CA HIS D 146 11.43 -23.35 18.16
C HIS D 146 11.44 -21.95 18.77
N PHE D 147 11.08 -20.93 18.00
CA PHE D 147 11.09 -19.58 18.55
C PHE D 147 10.15 -19.42 19.73
N LYS D 148 8.94 -19.98 19.63
CA LYS D 148 7.99 -19.87 20.72
C LYS D 148 8.51 -20.59 21.96
N GLU D 149 9.45 -21.52 21.74
CA GLU D 149 10.02 -22.29 22.81
C GLU D 149 11.06 -21.52 23.61
N ARG D 150 11.63 -20.47 23.01
CA ARG D 150 12.64 -19.66 23.68
C ARG D 150 12.15 -18.24 23.93
N GLY D 151 10.95 -17.96 23.44
CA GLY D 151 10.36 -16.64 23.63
C GLY D 151 11.18 -15.57 22.96
N THR D 152 11.90 -15.95 21.90
CA THR D 152 12.75 -15.03 21.13
C THR D 152 12.98 -15.53 19.71
N GLY D 153 13.36 -14.63 18.80
CA GLY D 153 13.63 -15.02 17.44
C GLY D 153 13.24 -14.01 16.36
N SER D 154 13.98 -14.05 15.26
CA SER D 154 13.72 -13.15 14.15
C SER D 154 13.69 -13.94 12.84
N LEU D 155 12.61 -13.78 12.09
CA LEU D 155 12.44 -14.46 10.81
C LEU D 155 12.46 -13.40 9.76
N VAL D 156 13.40 -13.52 8.83
CA VAL D 156 13.53 -12.57 7.76
C VAL D 156 13.14 -13.32 6.52
N ILE D 157 11.98 -12.98 5.98
CA ILE D 157 11.48 -13.62 4.76
C ILE D 157 11.84 -12.79 3.56
N THR D 158 12.50 -13.41 2.60
CA THR D 158 12.88 -12.71 1.37
C THR D 158 11.77 -12.77 0.35
N ALA D 159 11.01 -11.69 0.25
CA ALA D 159 9.92 -11.66 -0.71
C ALA D 159 10.42 -11.25 -2.06
N SER D 160 9.93 -10.11 -2.56
CA SER D 160 10.31 -9.64 -3.88
C SER D 160 9.45 -8.47 -4.28
N MET D 161 10.05 -7.53 -5.03
CA MET D 161 9.32 -6.35 -5.50
C MET D 161 8.12 -6.82 -6.33
N SER D 162 8.27 -7.99 -6.94
CA SER D 162 7.19 -8.59 -7.72
C SER D 162 6.01 -8.87 -6.80
N GLY D 163 6.26 -8.79 -5.49
CA GLY D 163 5.19 -9.03 -4.54
C GLY D 163 4.32 -7.80 -4.46
N HIS D 164 4.86 -6.68 -4.94
CA HIS D 164 4.16 -5.40 -4.93
C HIS D 164 3.59 -5.04 -6.31
N ILE D 165 4.41 -5.21 -7.36
CA ILE D 165 3.98 -4.92 -8.74
C ILE D 165 4.07 -6.16 -9.62
N ALA D 166 3.83 -5.99 -10.91
CA ALA D 166 3.89 -7.10 -11.84
C ALA D 166 4.98 -6.81 -12.85
N ASN D 167 5.96 -7.71 -12.97
CA ASN D 167 7.04 -7.47 -13.90
C ASN D 167 6.57 -7.34 -15.35
N PHE D 168 7.22 -6.42 -16.07
CA PHE D 168 6.98 -6.09 -17.47
C PHE D 168 8.34 -6.11 -18.17
N PRO D 169 8.41 -6.70 -19.38
CA PRO D 169 7.38 -7.36 -20.17
C PRO D 169 7.25 -8.88 -19.97
N GLN D 170 8.07 -9.45 -19.09
CA GLN D 170 7.98 -10.90 -18.84
C GLN D 170 6.70 -11.16 -18.07
N GLU D 171 6.01 -12.27 -18.39
CA GLU D 171 4.78 -12.65 -17.69
C GLU D 171 5.08 -13.76 -16.65
N GLN D 172 4.85 -13.46 -15.38
CA GLN D 172 5.13 -14.40 -14.31
C GLN D 172 4.14 -14.24 -13.16
N THR D 173 2.85 -14.16 -13.47
CA THR D 173 1.85 -13.99 -12.42
C THR D 173 1.99 -14.96 -11.22
N SER D 174 2.26 -16.25 -11.48
CA SER D 174 2.41 -17.21 -10.37
C SER D 174 3.52 -16.75 -9.39
N TYR D 175 4.65 -16.35 -9.94
CA TYR D 175 5.76 -15.89 -9.12
C TYR D 175 5.33 -14.66 -8.31
N ASN D 176 4.77 -13.66 -8.99
CA ASN D 176 4.32 -12.43 -8.34
C ASN D 176 3.33 -12.74 -7.25
N VAL D 177 2.36 -13.62 -7.55
CA VAL D 177 1.36 -14.01 -6.57
C VAL D 177 2.01 -14.68 -5.37
N ALA D 178 2.94 -15.59 -5.61
CA ALA D 178 3.60 -16.25 -4.47
C ALA D 178 4.33 -15.21 -3.64
N LYS D 179 4.97 -14.25 -4.30
CA LYS D 179 5.70 -13.23 -3.55
C LYS D 179 4.78 -12.33 -2.75
N ALA D 180 3.61 -12.02 -3.30
CA ALA D 180 2.63 -11.20 -2.60
C ALA D 180 2.24 -11.89 -1.29
N GLY D 181 2.00 -13.20 -1.34
CA GLY D 181 1.60 -13.93 -0.14
C GLY D 181 2.70 -13.98 0.92
N CYS D 182 3.95 -13.93 0.47
CA CYS D 182 5.10 -13.95 1.36
C CYS D 182 5.18 -12.65 2.14
N ILE D 183 4.91 -11.54 1.46
CA ILE D 183 4.94 -10.22 2.09
C ILE D 183 3.88 -10.20 3.16
N HIS D 184 2.66 -10.59 2.80
CA HIS D 184 1.61 -10.58 3.79
C HIS D 184 1.81 -11.68 4.82
N MET D 185 2.56 -12.71 4.47
CA MET D 185 2.80 -13.76 5.44
C MET D 185 3.57 -13.16 6.59
N ALA D 186 4.54 -12.30 6.24
CA ALA D 186 5.37 -11.66 7.25
C ALA D 186 4.56 -10.81 8.24
N ARG D 187 3.62 -10.01 7.74
CA ARG D 187 2.80 -9.17 8.62
C ARG D 187 1.88 -10.00 9.50
N SER D 188 1.23 -10.99 8.90
CA SER D 188 0.30 -11.80 9.65
C SER D 188 0.99 -12.62 10.72
N LEU D 189 2.17 -13.15 10.38
CA LEU D 189 2.96 -13.94 11.32
C LEU D 189 3.57 -13.06 12.39
N ALA D 190 3.86 -11.79 12.05
CA ALA D 190 4.42 -10.87 13.02
C ALA D 190 3.40 -10.76 14.14
N ASN D 191 2.13 -10.63 13.74
CA ASN D 191 1.04 -10.53 14.69
C ASN D 191 0.81 -11.85 15.43
N GLU D 192 0.94 -12.96 14.70
CA GLU D 192 0.72 -14.29 15.29
C GLU D 192 1.75 -14.60 16.36
N TRP D 193 3.01 -14.35 16.06
CA TRP D 193 4.09 -14.62 17.00
C TRP D 193 4.43 -13.42 17.87
N ARG D 194 3.52 -12.45 17.95
CA ARG D 194 3.76 -11.22 18.72
C ARG D 194 4.38 -11.39 20.10
N ASP D 195 4.25 -12.58 20.68
CA ASP D 195 4.79 -12.76 22.02
C ASP D 195 6.18 -13.35 22.11
N PHE D 196 6.76 -13.74 21.00
CA PHE D 196 8.09 -14.35 21.08
C PHE D 196 9.04 -14.12 19.92
N ALA D 197 8.62 -13.38 18.90
CA ALA D 197 9.49 -13.17 17.74
C ALA D 197 8.99 -12.16 16.71
N ARG D 198 9.94 -11.51 16.05
CA ARG D 198 9.60 -10.52 15.03
C ARG D 198 9.70 -11.18 13.67
N VAL D 199 8.94 -10.63 12.71
CA VAL D 199 8.92 -11.14 11.37
C VAL D 199 8.89 -9.96 10.40
N ASN D 200 9.76 -9.99 9.40
CA ASN D 200 9.79 -8.92 8.44
C ASN D 200 10.23 -9.51 7.11
N SER D 201 10.06 -8.74 6.06
CA SER D 201 10.43 -9.19 4.74
C SER D 201 11.22 -8.10 4.01
N ILE D 202 12.03 -8.54 3.05
CA ILE D 202 12.83 -7.67 2.20
C ILE D 202 12.27 -7.94 0.79
N SER D 203 11.98 -6.90 0.00
CA SER D 203 11.49 -7.12 -1.37
C SER D 203 12.54 -6.58 -2.33
N PRO D 204 13.53 -7.42 -2.68
CA PRO D 204 14.55 -6.92 -3.59
C PRO D 204 13.98 -6.69 -5.00
N GLY D 205 14.62 -5.80 -5.74
CA GLY D 205 14.20 -5.53 -7.11
C GLY D 205 15.03 -6.49 -7.95
N TYR D 206 15.62 -6.00 -9.03
CA TYR D 206 16.46 -6.85 -9.88
C TYR D 206 17.87 -6.92 -9.30
N ILE D 207 18.37 -8.14 -9.15
CA ILE D 207 19.71 -8.30 -8.58
C ILE D 207 20.62 -9.21 -9.38
N ASP D 208 21.81 -8.71 -9.73
CA ASP D 208 22.79 -9.51 -10.45
C ASP D 208 23.53 -10.34 -9.40
N THR D 209 23.12 -11.59 -9.24
CA THR D 209 23.71 -12.53 -8.28
C THR D 209 24.70 -13.48 -8.91
N GLY D 210 24.36 -13.99 -10.09
CA GLY D 210 25.26 -14.91 -10.76
C GLY D 210 24.69 -15.36 -12.08
N LEU D 211 23.39 -15.63 -12.10
CA LEU D 211 22.74 -16.09 -13.31
C LEU D 211 21.36 -15.49 -13.46
N SER D 212 21.15 -14.83 -14.59
CA SER D 212 19.86 -14.22 -14.89
C SER D 212 19.41 -14.83 -16.21
N ASP D 213 19.70 -16.12 -16.37
CA ASP D 213 19.33 -16.87 -17.57
C ASP D 213 19.48 -16.10 -18.86
N PHE D 214 18.83 -16.61 -19.90
CA PHE D 214 18.87 -16.03 -21.23
C PHE D 214 17.74 -15.03 -21.48
N VAL D 215 18.04 -13.74 -21.33
CA VAL D 215 17.05 -12.70 -21.58
C VAL D 215 17.67 -11.77 -22.61
N PRO D 216 16.97 -11.54 -23.74
CA PRO D 216 17.48 -10.65 -24.79
C PRO D 216 18.10 -9.37 -24.20
N LYS D 217 19.08 -8.81 -24.89
CA LYS D 217 19.75 -7.60 -24.44
C LYS D 217 18.78 -6.41 -24.41
N GLU D 218 17.84 -6.41 -25.35
CA GLU D 218 16.87 -5.34 -25.48
C GLU D 218 15.87 -5.33 -24.32
N THR D 219 15.60 -6.50 -23.75
CA THR D 219 14.69 -6.57 -22.64
C THR D 219 15.43 -6.01 -21.43
N GLN D 220 16.70 -6.39 -21.30
CA GLN D 220 17.52 -5.92 -20.17
C GLN D 220 17.67 -4.40 -20.18
N GLN D 221 17.64 -3.81 -21.38
CA GLN D 221 17.74 -2.36 -21.51
C GLN D 221 16.40 -1.77 -21.01
N LEU D 222 15.32 -2.45 -21.35
CA LEU D 222 13.98 -2.02 -20.95
C LEU D 222 13.84 -1.99 -19.43
N TRP D 223 14.39 -2.99 -18.75
CA TRP D 223 14.32 -3.05 -17.30
C TRP D 223 15.07 -1.88 -16.68
N HIS D 224 16.31 -1.70 -17.11
CA HIS D 224 17.18 -0.64 -16.64
C HIS D 224 16.56 0.74 -16.77
N SER D 225 15.88 0.99 -17.88
CA SER D 225 15.26 2.30 -18.10
C SER D 225 14.06 2.50 -17.15
N MET D 226 13.60 1.44 -16.49
CA MET D 226 12.48 1.54 -15.55
C MET D 226 12.97 1.59 -14.10
N ILE D 227 14.29 1.48 -13.94
CA ILE D 227 14.93 1.53 -12.63
C ILE D 227 15.59 2.89 -12.49
N PRO D 228 15.01 3.79 -11.66
CA PRO D 228 15.58 5.12 -11.48
C PRO D 228 17.10 5.12 -11.34
N MET D 229 17.63 4.21 -10.53
CA MET D 229 19.07 4.16 -10.37
C MET D 229 19.72 3.72 -11.71
N GLY D 230 18.93 3.14 -12.61
CA GLY D 230 19.43 2.72 -13.91
C GLY D 230 20.45 1.60 -13.95
N ARG D 231 20.37 0.69 -12.99
CA ARG D 231 21.32 -0.41 -12.89
C ARG D 231 20.71 -1.56 -12.11
N ASP D 232 21.29 -2.74 -12.20
CA ASP D 232 20.79 -3.86 -11.41
C ASP D 232 21.39 -3.66 -10.04
N GLY D 233 20.82 -4.28 -9.03
CA GLY D 233 21.40 -4.16 -7.71
C GLY D 233 22.36 -5.32 -7.54
N LEU D 234 23.15 -5.31 -6.48
CA LEU D 234 24.06 -6.41 -6.20
C LEU D 234 23.54 -6.97 -4.89
N ALA D 235 23.91 -8.21 -4.59
CA ALA D 235 23.50 -8.88 -3.37
C ALA D 235 24.19 -8.25 -2.17
N LYS D 236 25.41 -7.80 -2.34
CA LYS D 236 26.14 -7.21 -1.22
C LYS D 236 25.41 -5.97 -0.72
N GLU D 237 24.53 -5.41 -1.54
CA GLU D 237 23.76 -4.23 -1.17
C GLU D 237 22.53 -4.65 -0.39
N LEU D 238 22.35 -5.95 -0.23
CA LEU D 238 21.21 -6.45 0.50
C LEU D 238 21.60 -6.93 1.91
N LYS D 239 22.89 -7.16 2.13
CA LYS D 239 23.31 -7.68 3.45
C LYS D 239 22.98 -6.81 4.65
N GLY D 240 23.13 -5.50 4.51
CA GLY D 240 22.82 -4.60 5.62
C GLY D 240 21.38 -4.77 6.09
N ALA D 241 20.46 -4.96 5.14
CA ALA D 241 19.05 -5.15 5.48
C ALA D 241 18.80 -6.47 6.21
N TYR D 242 19.50 -7.53 5.80
CA TYR D 242 19.33 -8.83 6.43
C TYR D 242 19.87 -8.80 7.85
N VAL D 243 21.03 -8.19 8.04
CA VAL D 243 21.56 -8.10 9.38
C VAL D 243 20.66 -7.12 10.16
N TYR D 244 20.17 -6.09 9.50
CA TYR D 244 19.30 -5.16 10.25
C TYR D 244 18.17 -5.91 10.97
N PHE D 245 17.34 -6.64 10.20
CA PHE D 245 16.19 -7.37 10.72
C PHE D 245 16.53 -8.57 11.62
N ALA D 246 17.73 -9.10 11.44
CA ALA D 246 18.20 -10.27 12.17
C ALA D 246 18.77 -9.99 13.55
N SER D 247 19.27 -8.77 13.77
CA SER D 247 19.86 -8.41 15.05
C SER D 247 18.96 -7.59 15.96
N ASP D 248 19.57 -6.98 16.98
CA ASP D 248 18.87 -6.18 17.99
C ASP D 248 18.76 -4.72 17.62
N ALA D 249 19.23 -4.38 16.41
CA ALA D 249 19.17 -3.01 15.92
C ALA D 249 17.77 -2.75 15.39
N SER D 250 16.91 -3.75 15.47
CA SER D 250 15.52 -3.64 15.00
C SER D 250 14.51 -4.25 15.99
N THR D 251 14.67 -3.98 17.28
CA THR D 251 13.79 -4.56 18.28
C THR D 251 12.32 -4.11 18.38
N TYR D 252 11.96 -3.05 17.67
CA TYR D 252 10.59 -2.59 17.68
C TYR D 252 10.01 -2.68 16.27
N THR D 253 10.79 -3.26 15.36
CA THR D 253 10.34 -3.39 13.98
C THR D 253 9.90 -4.80 13.65
N THR D 254 8.59 -4.97 13.47
CA THR D 254 8.03 -6.28 13.13
C THR D 254 6.80 -6.09 12.25
N GLY D 255 6.67 -6.94 11.23
CA GLY D 255 5.55 -6.86 10.33
C GLY D 255 5.77 -5.88 9.21
N ALA D 256 7.01 -5.44 9.02
CA ALA D 256 7.31 -4.47 7.98
C ALA D 256 7.93 -5.07 6.73
N ASP D 257 7.91 -4.27 5.67
CA ASP D 257 8.48 -4.67 4.39
C ASP D 257 9.48 -3.62 3.97
N LEU D 258 10.60 -4.05 3.40
CA LEU D 258 11.60 -3.08 2.96
C LEU D 258 11.96 -3.31 1.50
N LEU D 259 11.54 -2.39 0.65
CA LEU D 259 11.81 -2.48 -0.77
C LEU D 259 13.23 -2.04 -1.08
N ILE D 260 13.96 -2.89 -1.81
CA ILE D 260 15.34 -2.64 -2.23
C ILE D 260 15.36 -2.94 -3.73
N ASP D 261 14.88 -1.97 -4.50
CA ASP D 261 14.70 -2.08 -5.95
C ASP D 261 15.23 -0.91 -6.77
N GLY D 262 16.19 -0.18 -6.23
CA GLY D 262 16.72 0.95 -6.97
C GLY D 262 15.66 1.97 -7.36
N GLY D 263 14.51 1.95 -6.67
CA GLY D 263 13.45 2.91 -6.93
C GLY D 263 12.41 2.53 -7.97
N TYR D 264 12.47 1.28 -8.41
CA TYR D 264 11.55 0.77 -9.42
C TYR D 264 10.07 0.96 -9.05
N THR D 265 9.69 0.51 -7.86
CA THR D 265 8.31 0.63 -7.42
C THR D 265 7.91 2.10 -7.21
N THR D 266 8.90 2.98 -7.19
CA THR D 266 8.68 4.41 -7.03
C THR D 266 7.77 4.98 -8.14
N ARG D 267 7.95 4.50 -9.37
CA ARG D 267 7.16 4.93 -10.52
C ARG D 267 5.92 4.09 -10.66
NA NA E . 4.80 1.02 -10.48
NA NA F . -4.83 -1.57 11.24
#